data_1J8E
# 
_entry.id   1J8E 
# 
_audit_conform.dict_name       mmcif_pdbx.dic 
_audit_conform.dict_version    5.398 
_audit_conform.dict_location   http://mmcif.pdb.org/dictionaries/ascii/mmcif_pdbx.dic 
# 
loop_
_database_2.database_id 
_database_2.database_code 
_database_2.pdbx_database_accession 
_database_2.pdbx_DOI 
PDB   1J8E         pdb_00001j8e 10.2210/pdb1j8e/pdb 
RCSB  RCSB013488   ?            ?                   
WWPDB D_1000013488 ?            ?                   
# 
loop_
_pdbx_audit_revision_history.ordinal 
_pdbx_audit_revision_history.data_content_type 
_pdbx_audit_revision_history.major_revision 
_pdbx_audit_revision_history.minor_revision 
_pdbx_audit_revision_history.revision_date 
1 'Structure model' 1 0 2001-12-19 
2 'Structure model' 1 1 2008-04-27 
3 'Structure model' 1 2 2011-07-13 
4 'Structure model' 1 3 2021-10-27 
5 'Structure model' 1 4 2024-10-30 
# 
_pdbx_audit_revision_details.ordinal             1 
_pdbx_audit_revision_details.revision_ordinal    1 
_pdbx_audit_revision_details.data_content_type   'Structure model' 
_pdbx_audit_revision_details.provider            repository 
_pdbx_audit_revision_details.type                'Initial release' 
_pdbx_audit_revision_details.description         ? 
_pdbx_audit_revision_details.details             ? 
# 
loop_
_pdbx_audit_revision_group.ordinal 
_pdbx_audit_revision_group.revision_ordinal 
_pdbx_audit_revision_group.data_content_type 
_pdbx_audit_revision_group.group 
1 2 'Structure model' 'Version format compliance' 
2 3 'Structure model' 'Version format compliance' 
3 4 'Structure model' 'Database references'       
4 4 'Structure model' 'Derived calculations'      
5 5 'Structure model' 'Data collection'           
6 5 'Structure model' 'Structure summary'         
# 
loop_
_pdbx_audit_revision_category.ordinal 
_pdbx_audit_revision_category.revision_ordinal 
_pdbx_audit_revision_category.data_content_type 
_pdbx_audit_revision_category.category 
1 4 'Structure model' database_2                
2 4 'Structure model' pdbx_struct_conn_angle    
3 4 'Structure model' struct_conn               
4 4 'Structure model' struct_ref_seq_dif        
5 4 'Structure model' struct_site               
6 5 'Structure model' chem_comp_atom            
7 5 'Structure model' chem_comp_bond            
8 5 'Structure model' pdbx_entry_details        
9 5 'Structure model' pdbx_modification_feature 
# 
loop_
_pdbx_audit_revision_item.ordinal 
_pdbx_audit_revision_item.revision_ordinal 
_pdbx_audit_revision_item.data_content_type 
_pdbx_audit_revision_item.item 
1  4 'Structure model' '_database_2.pdbx_DOI'                        
2  4 'Structure model' '_database_2.pdbx_database_accession'         
3  4 'Structure model' '_pdbx_struct_conn_angle.ptnr1_auth_seq_id'   
4  4 'Structure model' '_pdbx_struct_conn_angle.ptnr1_label_atom_id' 
5  4 'Structure model' '_pdbx_struct_conn_angle.ptnr1_label_seq_id'  
6  4 'Structure model' '_pdbx_struct_conn_angle.ptnr3_auth_seq_id'   
7  4 'Structure model' '_pdbx_struct_conn_angle.ptnr3_label_atom_id' 
8  4 'Structure model' '_pdbx_struct_conn_angle.ptnr3_label_seq_id'  
9  4 'Structure model' '_pdbx_struct_conn_angle.value'               
10 4 'Structure model' '_struct_conn.pdbx_dist_value'                
11 4 'Structure model' '_struct_conn.ptnr1_auth_comp_id'             
12 4 'Structure model' '_struct_conn.ptnr1_auth_seq_id'              
13 4 'Structure model' '_struct_conn.ptnr1_label_asym_id'            
14 4 'Structure model' '_struct_conn.ptnr1_label_atom_id'            
15 4 'Structure model' '_struct_conn.ptnr1_label_comp_id'            
16 4 'Structure model' '_struct_conn.ptnr1_label_seq_id'             
17 4 'Structure model' '_struct_conn.ptnr2_auth_comp_id'             
18 4 'Structure model' '_struct_conn.ptnr2_auth_seq_id'              
19 4 'Structure model' '_struct_conn.ptnr2_label_asym_id'            
20 4 'Structure model' '_struct_conn.ptnr2_label_atom_id'            
21 4 'Structure model' '_struct_conn.ptnr2_label_comp_id'            
22 4 'Structure model' '_struct_conn.ptnr2_label_seq_id'             
23 4 'Structure model' '_struct_ref_seq_dif.details'                 
24 4 'Structure model' '_struct_site.pdbx_auth_asym_id'              
25 4 'Structure model' '_struct_site.pdbx_auth_comp_id'              
26 4 'Structure model' '_struct_site.pdbx_auth_seq_id'               
# 
_pdbx_database_status.status_code                     REL 
_pdbx_database_status.entry_id                        1J8E 
_pdbx_database_status.recvd_initial_deposition_date   2001-05-21 
_pdbx_database_status.deposit_site                    RCSB 
_pdbx_database_status.process_site                    RCSB 
_pdbx_database_status.status_code_sf                  REL 
_pdbx_database_status.SG_entry                        . 
_pdbx_database_status.pdb_format_compatible           Y 
_pdbx_database_status.status_code_mr                  ? 
_pdbx_database_status.status_code_cs                  ? 
_pdbx_database_status.status_code_nmr_data            ? 
_pdbx_database_status.methods_development_category    ? 
# 
loop_
_pdbx_database_related.db_name 
_pdbx_database_related.db_id 
_pdbx_database_related.details 
_pdbx_database_related.content_type 
PDB 1D2L 
;NMR solution structure of CR3 
domain of LRP
;
unspecified 
PDB 1CR8 
;NMR solution structure of CR8 
domain of LRP
;
unspecified 
PDB 1AJJ 
;Crystal structure of LB5 domain 
of LDL receptor
;
unspecified 
# 
loop_
_audit_author.name 
_audit_author.pdbx_ordinal 
'Simonovic, M.'    1 
'Dolmer, K.'       2 
'Huang, W.'        3 
'Strickland, D.K.' 4 
'Volz, K.'         5 
'Gettins, P.G.W.'  6 
# 
_citation.id                        primary 
_citation.title                     
;Calcium coordination and pH dependence of the calcium affinity of ligand-binding repeat CR7 from the LRP. Comparison with related domains from the LRP and the LDL receptor.
;
_citation.journal_abbrev            Biochemistry 
_citation.journal_volume            40 
_citation.page_first                15127 
_citation.page_last                 15134 
_citation.year                      2001 
_citation.journal_id_ASTM           BICHAW 
_citation.country                   US 
_citation.journal_id_ISSN           0006-2960 
_citation.journal_id_CSD            0033 
_citation.book_publisher            ? 
_citation.pdbx_database_id_PubMed   11735395 
_citation.pdbx_database_id_DOI      10.1021/bi015688m 
# 
loop_
_citation_author.citation_id 
_citation_author.name 
_citation_author.ordinal 
_citation_author.identifier_ORCID 
primary 'Simonovic, M.'    1 ? 
primary 'Dolmer, K.'       2 ? 
primary 'Huang, W.'        3 ? 
primary 'Strickland, D.K.' 4 ? 
primary 'Volz, K.'         5 ? 
primary 'Gettins, P.G.'    6 ? 
# 
loop_
_entity.id 
_entity.type 
_entity.src_method 
_entity.pdbx_description 
_entity.formula_weight 
_entity.pdbx_number_of_molecules 
_entity.pdbx_ec 
_entity.pdbx_mutation 
_entity.pdbx_fragment 
_entity.details 
1 polymer     man 'LOW-DENSITY LIPOPROTEIN RECEPTOR-RELATED PROTEIN 1' 4817.019 1  ? C1G 
'COMPLEMENT-LIKE REPEAT 7 (CR7), LDL-RECEPTOR CLASS A 7' ? 
2 non-polymer syn 'CALCIUM ION'                                        40.078   1  ? ?   ? ? 
3 water       nat water                                                18.015   31 ? ?   ? ? 
# 
_entity_poly.entity_id                      1 
_entity_poly.type                           'polypeptide(L)' 
_entity_poly.nstd_linkage                   no 
_entity_poly.nstd_monomer                   no 
_entity_poly.pdbx_seq_one_letter_code       GSHSCSSTQFKCNSGRCIPEHWTCDGDNDCGDYSDETHANCTNQ 
_entity_poly.pdbx_seq_one_letter_code_can   GSHSCSSTQFKCNSGRCIPEHWTCDGDNDCGDYSDETHANCTNQ 
_entity_poly.pdbx_strand_id                 A 
_entity_poly.pdbx_target_identifier         ? 
# 
loop_
_pdbx_entity_nonpoly.entity_id 
_pdbx_entity_nonpoly.name 
_pdbx_entity_nonpoly.comp_id 
2 'CALCIUM ION' CA  
3 water         HOH 
# 
loop_
_entity_poly_seq.entity_id 
_entity_poly_seq.num 
_entity_poly_seq.mon_id 
_entity_poly_seq.hetero 
1 1  GLY n 
1 2  SER n 
1 3  HIS n 
1 4  SER n 
1 5  CYS n 
1 6  SER n 
1 7  SER n 
1 8  THR n 
1 9  GLN n 
1 10 PHE n 
1 11 LYS n 
1 12 CYS n 
1 13 ASN n 
1 14 SER n 
1 15 GLY n 
1 16 ARG n 
1 17 CYS n 
1 18 ILE n 
1 19 PRO n 
1 20 GLU n 
1 21 HIS n 
1 22 TRP n 
1 23 THR n 
1 24 CYS n 
1 25 ASP n 
1 26 GLY n 
1 27 ASP n 
1 28 ASN n 
1 29 ASP n 
1 30 CYS n 
1 31 GLY n 
1 32 ASP n 
1 33 TYR n 
1 34 SER n 
1 35 ASP n 
1 36 GLU n 
1 37 THR n 
1 38 HIS n 
1 39 ALA n 
1 40 ASN n 
1 41 CYS n 
1 42 THR n 
1 43 ASN n 
1 44 GLN n 
# 
_entity_src_gen.entity_id                          1 
_entity_src_gen.pdbx_src_id                        1 
_entity_src_gen.pdbx_alt_source_flag               sample 
_entity_src_gen.pdbx_seq_type                      ? 
_entity_src_gen.pdbx_beg_seq_num                   ? 
_entity_src_gen.pdbx_end_seq_num                   ? 
_entity_src_gen.gene_src_common_name               human 
_entity_src_gen.gene_src_genus                     Homo 
_entity_src_gen.pdbx_gene_src_gene                 ? 
_entity_src_gen.gene_src_species                   ? 
_entity_src_gen.gene_src_strain                    ? 
_entity_src_gen.gene_src_tissue                    ? 
_entity_src_gen.gene_src_tissue_fraction           ? 
_entity_src_gen.gene_src_details                   ? 
_entity_src_gen.pdbx_gene_src_fragment             ? 
_entity_src_gen.pdbx_gene_src_scientific_name      'Homo sapiens' 
_entity_src_gen.pdbx_gene_src_ncbi_taxonomy_id     9606 
_entity_src_gen.pdbx_gene_src_variant              ? 
_entity_src_gen.pdbx_gene_src_cell_line            ? 
_entity_src_gen.pdbx_gene_src_atcc                 ? 
_entity_src_gen.pdbx_gene_src_organ                ? 
_entity_src_gen.pdbx_gene_src_organelle            ? 
_entity_src_gen.pdbx_gene_src_cell                 ? 
_entity_src_gen.pdbx_gene_src_cellular_location    ? 
_entity_src_gen.host_org_common_name               ? 
_entity_src_gen.pdbx_host_org_scientific_name      'Escherichia coli BL21(DE3)' 
_entity_src_gen.pdbx_host_org_ncbi_taxonomy_id     469008 
_entity_src_gen.host_org_genus                     Escherichia 
_entity_src_gen.pdbx_host_org_gene                 ? 
_entity_src_gen.pdbx_host_org_organ                ? 
_entity_src_gen.host_org_species                   'Escherichia coli' 
_entity_src_gen.pdbx_host_org_tissue               ? 
_entity_src_gen.pdbx_host_org_tissue_fraction      ? 
_entity_src_gen.pdbx_host_org_strain               'BL21 (DE3)' 
_entity_src_gen.pdbx_host_org_variant              ? 
_entity_src_gen.pdbx_host_org_cell_line            ? 
_entity_src_gen.pdbx_host_org_atcc                 ? 
_entity_src_gen.pdbx_host_org_culture_collection   ? 
_entity_src_gen.pdbx_host_org_cell                 ? 
_entity_src_gen.pdbx_host_org_organelle            ? 
_entity_src_gen.pdbx_host_org_cellular_location    ? 
_entity_src_gen.pdbx_host_org_vector_type          plasmid 
_entity_src_gen.pdbx_host_org_vector               ? 
_entity_src_gen.host_org_details                   ? 
_entity_src_gen.expression_system_id               ? 
_entity_src_gen.plasmid_name                       pGEX-2T 
_entity_src_gen.plasmid_details                    ? 
_entity_src_gen.pdbx_description                   ? 
# 
loop_
_chem_comp.id 
_chem_comp.type 
_chem_comp.mon_nstd_flag 
_chem_comp.name 
_chem_comp.pdbx_synonyms 
_chem_comp.formula 
_chem_comp.formula_weight 
ALA 'L-peptide linking' y ALANINE         ? 'C3 H7 N O2'     89.093  
ARG 'L-peptide linking' y ARGININE        ? 'C6 H15 N4 O2 1' 175.209 
ASN 'L-peptide linking' y ASPARAGINE      ? 'C4 H8 N2 O3'    132.118 
ASP 'L-peptide linking' y 'ASPARTIC ACID' ? 'C4 H7 N O4'     133.103 
CA  non-polymer         . 'CALCIUM ION'   ? 'Ca 2'           40.078  
CYS 'L-peptide linking' y CYSTEINE        ? 'C3 H7 N O2 S'   121.158 
GLN 'L-peptide linking' y GLUTAMINE       ? 'C5 H10 N2 O3'   146.144 
GLU 'L-peptide linking' y 'GLUTAMIC ACID' ? 'C5 H9 N O4'     147.129 
GLY 'peptide linking'   y GLYCINE         ? 'C2 H5 N O2'     75.067  
HIS 'L-peptide linking' y HISTIDINE       ? 'C6 H10 N3 O2 1' 156.162 
HOH non-polymer         . WATER           ? 'H2 O'           18.015  
ILE 'L-peptide linking' y ISOLEUCINE      ? 'C6 H13 N O2'    131.173 
LYS 'L-peptide linking' y LYSINE          ? 'C6 H15 N2 O2 1' 147.195 
PHE 'L-peptide linking' y PHENYLALANINE   ? 'C9 H11 N O2'    165.189 
PRO 'L-peptide linking' y PROLINE         ? 'C5 H9 N O2'     115.130 
SER 'L-peptide linking' y SERINE          ? 'C3 H7 N O3'     105.093 
THR 'L-peptide linking' y THREONINE       ? 'C4 H9 N O3'     119.119 
TRP 'L-peptide linking' y TRYPTOPHAN      ? 'C11 H12 N2 O2'  204.225 
TYR 'L-peptide linking' y TYROSINE        ? 'C9 H11 N O3'    181.189 
# 
loop_
_pdbx_poly_seq_scheme.asym_id 
_pdbx_poly_seq_scheme.entity_id 
_pdbx_poly_seq_scheme.seq_id 
_pdbx_poly_seq_scheme.mon_id 
_pdbx_poly_seq_scheme.ndb_seq_num 
_pdbx_poly_seq_scheme.pdb_seq_num 
_pdbx_poly_seq_scheme.auth_seq_num 
_pdbx_poly_seq_scheme.pdb_mon_id 
_pdbx_poly_seq_scheme.auth_mon_id 
_pdbx_poly_seq_scheme.pdb_strand_id 
_pdbx_poly_seq_scheme.pdb_ins_code 
_pdbx_poly_seq_scheme.hetero 
A 1 1  GLY 1  1  1  GLY GLY A . n 
A 1 2  SER 2  2  2  SER SER A . n 
A 1 3  HIS 3  3  3  HIS HIS A . n 
A 1 4  SER 4  4  4  SER SER A . n 
A 1 5  CYS 5  5  5  CYS CYS A . n 
A 1 6  SER 6  6  6  SER SER A . n 
A 1 7  SER 7  7  7  SER SER A . n 
A 1 8  THR 8  8  8  THR THR A . n 
A 1 9  GLN 9  9  9  GLN GLN A . n 
A 1 10 PHE 10 10 10 PHE PHE A . n 
A 1 11 LYS 11 11 11 LYS LYS A . n 
A 1 12 CYS 12 12 12 CYS CYS A . n 
A 1 13 ASN 13 13 13 ASN ASN A . n 
A 1 14 SER 14 14 14 SER SER A . n 
A 1 15 GLY 15 15 15 GLY GLY A . n 
A 1 16 ARG 16 16 16 ARG ARG A . n 
A 1 17 CYS 17 17 17 CYS CYS A . n 
A 1 18 ILE 18 18 18 ILE ILE A . n 
A 1 19 PRO 19 19 19 PRO PRO A . n 
A 1 20 GLU 20 20 20 GLU GLU A . n 
A 1 21 HIS 21 21 21 HIS HIS A . n 
A 1 22 TRP 22 22 22 TRP TRP A . n 
A 1 23 THR 23 23 23 THR THR A . n 
A 1 24 CYS 24 24 24 CYS CYS A . n 
A 1 25 ASP 25 25 25 ASP ASP A . n 
A 1 26 GLY 26 26 26 GLY GLY A . n 
A 1 27 ASP 27 27 27 ASP ASP A . n 
A 1 28 ASN 28 28 28 ASN ASN A . n 
A 1 29 ASP 29 29 29 ASP ASP A . n 
A 1 30 CYS 30 30 30 CYS CYS A . n 
A 1 31 GLY 31 31 31 GLY GLY A . n 
A 1 32 ASP 32 32 32 ASP ASP A . n 
A 1 33 TYR 33 33 33 TYR TYR A . n 
A 1 34 SER 34 34 34 SER SER A . n 
A 1 35 ASP 35 35 35 ASP ASP A . n 
A 1 36 GLU 36 36 36 GLU GLU A . n 
A 1 37 THR 37 37 37 THR THR A . n 
A 1 38 HIS 38 38 38 HIS HIS A . n 
A 1 39 ALA 39 39 39 ALA ALA A . n 
A 1 40 ASN 40 40 40 ASN ASN A . n 
A 1 41 CYS 41 41 41 CYS CYS A . n 
A 1 42 THR 42 42 42 THR THR A . n 
A 1 43 ASN 43 43 43 ASN ASN A . n 
A 1 44 GLN 44 44 44 GLN GLN A . n 
# 
loop_
_pdbx_nonpoly_scheme.asym_id 
_pdbx_nonpoly_scheme.entity_id 
_pdbx_nonpoly_scheme.mon_id 
_pdbx_nonpoly_scheme.ndb_seq_num 
_pdbx_nonpoly_scheme.pdb_seq_num 
_pdbx_nonpoly_scheme.auth_seq_num 
_pdbx_nonpoly_scheme.pdb_mon_id 
_pdbx_nonpoly_scheme.auth_mon_id 
_pdbx_nonpoly_scheme.pdb_strand_id 
_pdbx_nonpoly_scheme.pdb_ins_code 
B 2 CA  1  201 201 CA  CA2 A . 
C 3 HOH 1  301 301 HOH HOH A . 
C 3 HOH 2  302 302 HOH HOH A . 
C 3 HOH 3  303 303 HOH HOH A . 
C 3 HOH 4  304 304 HOH HOH A . 
C 3 HOH 5  305 305 HOH HOH A . 
C 3 HOH 6  306 306 HOH HOH A . 
C 3 HOH 7  307 307 HOH HOH A . 
C 3 HOH 8  308 308 HOH HOH A . 
C 3 HOH 9  309 309 HOH HOH A . 
C 3 HOH 10 310 310 HOH HOH A . 
C 3 HOH 11 311 311 HOH HOH A . 
C 3 HOH 12 312 312 HOH HOH A . 
C 3 HOH 13 313 313 HOH HOH A . 
C 3 HOH 14 314 314 HOH HOH A . 
C 3 HOH 15 315 315 HOH HOH A . 
C 3 HOH 16 316 316 HOH HOH A . 
C 3 HOH 17 317 317 HOH HOH A . 
C 3 HOH 18 318 318 HOH HOH A . 
C 3 HOH 19 319 319 HOH HOH A . 
C 3 HOH 20 320 320 HOH HOH A . 
C 3 HOH 21 321 321 HOH HOH A . 
C 3 HOH 22 322 322 HOH HOH A . 
C 3 HOH 23 323 323 HOH HOH A . 
C 3 HOH 24 324 324 HOH HOH A . 
C 3 HOH 25 325 325 HOH HOH A . 
C 3 HOH 26 326 326 HOH HOH A . 
C 3 HOH 27 327 327 HOH HOH A . 
C 3 HOH 28 328 328 HOH HOH A . 
C 3 HOH 29 329 329 HOH HOH A . 
C 3 HOH 30 330 330 HOH HOH A . 
C 3 HOH 31 331 331 HOH HOH A . 
# 
loop_
_software.name 
_software.classification 
_software.version 
_software.citation_id 
_software.pdbx_ordinal 
DENZO     'data reduction' . ? 1 
SCALEPACK 'data scaling'   . ? 2 
CNS       refinement       . ? 3 
CNS       phasing          . ? 4 
# 
_cell.entry_id           1J8E 
_cell.length_a           27.588 
_cell.length_b           35.359 
_cell.length_c           36.288 
_cell.angle_alpha        90.00 
_cell.angle_beta         90.00 
_cell.angle_gamma        90.00 
_cell.Z_PDB              4 
_cell.pdbx_unique_axis   ? 
# 
_symmetry.entry_id                         1J8E 
_symmetry.space_group_name_H-M             'P 21 21 21' 
_symmetry.pdbx_full_space_group_name_H-M   ? 
_symmetry.cell_setting                     ? 
_symmetry.Int_Tables_number                19 
# 
_exptl.entry_id          1J8E 
_exptl.method            'X-RAY DIFFRACTION' 
_exptl.crystals_number   1 
# 
_exptl_crystal.id                    1 
_exptl_crystal.density_meas          ? 
_exptl_crystal.density_Matthews      1.84 
_exptl_crystal.density_percent_sol   33.03 
_exptl_crystal.description           ? 
# 
_exptl_crystal_grow.crystal_id      1 
_exptl_crystal_grow.method          'VAPOR DIFFUSION, HANGING DROP' 
_exptl_crystal_grow.temp            292 
_exptl_crystal_grow.temp_details    ? 
_exptl_crystal_grow.pH              3.8 
_exptl_crystal_grow.pdbx_details    
'0.02M Na-acetate, 0.1M CaCl2, 0.3M NaCl, pH 3.8, VAPOR DIFFUSION, HANGING DROP, temperature 292K' 
_exptl_crystal_grow.pdbx_pH_range   ? 
# 
_diffrn.id                     1 
_diffrn.ambient_temp           200 
_diffrn.ambient_temp_details   ? 
_diffrn.crystal_id             1 
# 
_diffrn_detector.diffrn_id              1 
_diffrn_detector.detector               CCD 
_diffrn_detector.type                   'ADSC QUANTUM 4' 
_diffrn_detector.pdbx_collection_date   2001-02-12 
_diffrn_detector.details                ? 
# 
_diffrn_radiation.diffrn_id                        1 
_diffrn_radiation.wavelength_id                    1 
_diffrn_radiation.pdbx_monochromatic_or_laue_m_l   M 
_diffrn_radiation.monochromator                    ? 
_diffrn_radiation.pdbx_diffrn_protocol             'SINGLE WAVELENGTH' 
_diffrn_radiation.pdbx_scattering_type             x-ray 
# 
_diffrn_radiation_wavelength.id           1 
_diffrn_radiation_wavelength.wavelength   1.0 
_diffrn_radiation_wavelength.wt           1.0 
# 
_diffrn_source.diffrn_id                   1 
_diffrn_source.source                      SYNCHROTRON 
_diffrn_source.type                        'APS BEAMLINE 14-BM-C' 
_diffrn_source.pdbx_synchrotron_site       APS 
_diffrn_source.pdbx_synchrotron_beamline   14-BM-C 
_diffrn_source.pdbx_wavelength             ? 
_diffrn_source.pdbx_wavelength_list        1.0 
# 
_reflns.entry_id                     1J8E 
_reflns.observed_criterion_sigma_I   0 
_reflns.observed_criterion_sigma_F   ? 
_reflns.d_resolution_low             100 
_reflns.d_resolution_high            1.85 
_reflns.number_obs                   ? 
_reflns.number_all                   86028 
_reflns.percent_possible_obs         88.5 
_reflns.pdbx_Rmerge_I_obs            0.072 
_reflns.pdbx_Rsym_value              ? 
_reflns.pdbx_netI_over_sigmaI        20 
_reflns.B_iso_Wilson_estimate        13.2 
_reflns.pdbx_redundancy              5 
_reflns.R_free_details               ? 
_reflns.limit_h_max                  ? 
_reflns.limit_h_min                  ? 
_reflns.limit_k_max                  ? 
_reflns.limit_k_min                  ? 
_reflns.limit_l_max                  ? 
_reflns.limit_l_min                  ? 
_reflns.observed_criterion_F_max     ? 
_reflns.observed_criterion_F_min     ? 
_reflns.pdbx_diffrn_id               1 
_reflns.pdbx_ordinal                 1 
# 
_reflns_shell.d_res_high             1.85 
_reflns_shell.d_res_low              1.97 
_reflns_shell.percent_possible_all   56.6 
_reflns_shell.Rmerge_I_obs           0.268 
_reflns_shell.pdbx_Rsym_value        ? 
_reflns_shell.meanI_over_sigI_obs    ? 
_reflns_shell.pdbx_redundancy        2 
_reflns_shell.percent_possible_obs   ? 
_reflns_shell.number_unique_all      274 
_reflns_shell.pdbx_diffrn_id         ? 
_reflns_shell.pdbx_ordinal           1 
# 
_refine.entry_id                                 1J8E 
_refine.ls_number_reflns_obs                     2911 
_refine.ls_number_reflns_all                     ? 
_refine.pdbx_ls_sigma_I                          ? 
_refine.pdbx_ls_sigma_F                          0 
_refine.pdbx_data_cutoff_high_absF               1341106.64 
_refine.pdbx_data_cutoff_low_absF                0.00 
_refine.ls_d_res_low                             21.96 
_refine.ls_d_res_high                            1.85 
_refine.ls_percent_reflns_obs                    88.5 
_refine.ls_R_factor_obs                          ? 
_refine.ls_R_factor_all                          ? 
_refine.ls_R_factor_R_work                       0.186 
_refine.ls_R_factor_R_free                       0.222 
_refine.ls_R_factor_R_free_error                 0.013 
_refine.ls_R_factor_R_free_error_details         ? 
_refine.ls_percent_reflns_R_free                 9.7 
_refine.ls_number_reflns_R_free                  281 
_refine.ls_number_parameters                     ? 
_refine.ls_number_restraints                     ? 
_refine.occupancy_min                            ? 
_refine.occupancy_max                            ? 
_refine.B_iso_mean                               21.0 
_refine.aniso_B[1][1]                            2.24 
_refine.aniso_B[2][2]                            -6.09 
_refine.aniso_B[3][3]                            3.84 
_refine.aniso_B[1][2]                            0.00 
_refine.aniso_B[1][3]                            0.00 
_refine.aniso_B[2][3]                            0.00 
_refine.solvent_model_details                    'FLAT MODEL' 
_refine.solvent_model_param_ksol                 0.419 
_refine.solvent_model_param_bsol                 51.37 
_refine.pdbx_ls_cross_valid_method               THROUGHOUT 
_refine.details                                  ? 
_refine.pdbx_starting_model                      
;Composite search model constructed  
based on coordinates of 1AJJ, 1D2L,  
and 1CR8.
;
_refine.pdbx_method_to_determine_struct          'MOLECULAR REPLACEMENT' 
_refine.pdbx_isotropic_thermal_model             RESTRAINED 
_refine.pdbx_stereochemistry_target_values       'Engh & Huber' 
_refine.pdbx_stereochem_target_val_spec_case     ? 
_refine.pdbx_R_Free_selection_details            RANDOM 
_refine.pdbx_overall_ESU_R_Free                  ? 
_refine.overall_SU_B                             ? 
_refine.ls_redundancy_reflns_obs                 ? 
_refine.B_iso_min                                ? 
_refine.B_iso_max                                ? 
_refine.correlation_coeff_Fo_to_Fc               ? 
_refine.correlation_coeff_Fo_to_Fc_free          ? 
_refine.overall_SU_R_Cruickshank_DPI             ? 
_refine.overall_SU_R_free                        ? 
_refine.overall_SU_ML                            ? 
_refine.pdbx_overall_ESU_R                       ? 
_refine.pdbx_data_cutoff_high_rms_absF           ? 
_refine.pdbx_refine_id                           'X-RAY DIFFRACTION' 
_refine.pdbx_diffrn_id                           1 
_refine.pdbx_TLS_residual_ADP_flag               ? 
_refine.pdbx_solvent_vdw_probe_radii             ? 
_refine.pdbx_solvent_ion_probe_radii             ? 
_refine.pdbx_solvent_shrinkage_radii             ? 
_refine.pdbx_overall_phase_error                 ? 
_refine.pdbx_overall_SU_R_free_Cruickshank_DPI   ? 
_refine.pdbx_overall_SU_R_Blow_DPI               ? 
_refine.pdbx_overall_SU_R_free_Blow_DPI          ? 
# 
_refine_analyze.entry_id                        1J8E 
_refine_analyze.Luzzati_coordinate_error_obs    0.19 
_refine_analyze.Luzzati_sigma_a_obs             0.13 
_refine_analyze.Luzzati_d_res_low_obs           5.00 
_refine_analyze.Luzzati_coordinate_error_free   0.24 
_refine_analyze.Luzzati_sigma_a_free            0.15 
_refine_analyze.Luzzati_d_res_low_free          ? 
_refine_analyze.number_disordered_residues      ? 
_refine_analyze.occupancy_sum_hydrogen          ? 
_refine_analyze.occupancy_sum_non_hydrogen      ? 
_refine_analyze.pdbx_Luzzati_d_res_high_obs     ? 
_refine_analyze.pdbx_refine_id                  'X-RAY DIFFRACTION' 
# 
_refine_hist.pdbx_refine_id                   'X-RAY DIFFRACTION' 
_refine_hist.cycle_id                         LAST 
_refine_hist.pdbx_number_atoms_protein        332 
_refine_hist.pdbx_number_atoms_nucleic_acid   0 
_refine_hist.pdbx_number_atoms_ligand         1 
_refine_hist.number_atoms_solvent             31 
_refine_hist.number_atoms_total               364 
_refine_hist.d_res_high                       1.85 
_refine_hist.d_res_low                        21.96 
# 
loop_
_refine_ls_restr.type 
_refine_ls_restr.dev_ideal 
_refine_ls_restr.dev_ideal_target 
_refine_ls_restr.weight 
_refine_ls_restr.number 
_refine_ls_restr.pdbx_refine_id 
_refine_ls_restr.pdbx_restraint_function 
c_bond_d           0.005 ?    ? ? 'X-RAY DIFFRACTION' ? 
c_angle_deg        1.1   ?    ? ? 'X-RAY DIFFRACTION' ? 
c_dihedral_angle_d 25.1  ?    ? ? 'X-RAY DIFFRACTION' ? 
c_improper_angle_d 0.63  ?    ? ? 'X-RAY DIFFRACTION' ? 
c_mcbond_it        1.18  1.50 ? ? 'X-RAY DIFFRACTION' ? 
c_mcangle_it       1.80  2.00 ? ? 'X-RAY DIFFRACTION' ? 
c_scbond_it        1.98  2.00 ? ? 'X-RAY DIFFRACTION' ? 
c_scangle_it       2.78  2.50 ? ? 'X-RAY DIFFRACTION' ? 
# 
_refine_ls_shell.pdbx_total_number_of_bins_used   6 
_refine_ls_shell.d_res_high                       1.85 
_refine_ls_shell.d_res_low                        1.97 
_refine_ls_shell.number_reflns_R_work             274 
_refine_ls_shell.R_factor_R_work                  0.227 
_refine_ls_shell.percent_reflns_obs               56.6 
_refine_ls_shell.R_factor_R_free                  0.288 
_refine_ls_shell.R_factor_R_free_error            0.054 
_refine_ls_shell.percent_reflns_R_free            9.3 
_refine_ls_shell.number_reflns_R_free             28 
_refine_ls_shell.number_reflns_obs                274 
_refine_ls_shell.redundancy_reflns_obs            ? 
_refine_ls_shell.number_reflns_all                ? 
_refine_ls_shell.pdbx_refine_id                   'X-RAY DIFFRACTION' 
_refine_ls_shell.R_factor_all                     ? 
# 
loop_
_pdbx_xplor_file.serial_no 
_pdbx_xplor_file.param_file 
_pdbx_xplor_file.topol_file 
_pdbx_xplor_file.pdbx_refine_id 
1 PROTEIN_REP.PARAM PROTEIN.TOP     'X-RAY DIFFRACTION' 
2 WATER_REP.PARAM   ION.PARAM       'X-RAY DIFFRACTION' 
3 ION.PARAM         WATER_REP.PARAM 'X-RAY DIFFRACTION' 
# 
_struct.entry_id                  1J8E 
_struct.title                     'Crystal structure of ligand-binding repeat CR7 from LRP' 
_struct.pdbx_model_details        ? 
_struct.pdbx_CASP_flag            ? 
_struct.pdbx_model_type_details   ? 
# 
_struct_keywords.entry_id        1J8E 
_struct_keywords.pdbx_keywords   'SIGNALING PROTEIN' 
_struct_keywords.text            'ligand binding, calcium binding, complement-like repeat, LRP receptor, signaling protein' 
# 
loop_
_struct_asym.id 
_struct_asym.pdbx_blank_PDB_chainid_flag 
_struct_asym.pdbx_modified 
_struct_asym.entity_id 
_struct_asym.details 
A N N 1 ? 
B N N 2 ? 
C N N 3 ? 
# 
_struct_ref.id                         1 
_struct_ref.db_name                    UNP 
_struct_ref.db_code                    LRP1_HUMAN 
_struct_ref.entity_id                  1 
_struct_ref.pdbx_seq_one_letter_code   CSHSCSSTQFKCNSGRCIPEHWTCDGDNDCGDYSDETHANCTNQ 
_struct_ref.pdbx_align_begin           1011 
_struct_ref.pdbx_db_accession          Q07954 
_struct_ref.pdbx_db_isoform            ? 
# 
_struct_ref_seq.align_id                      1 
_struct_ref_seq.ref_id                        1 
_struct_ref_seq.pdbx_PDB_id_code              1J8E 
_struct_ref_seq.pdbx_strand_id                A 
_struct_ref_seq.seq_align_beg                 1 
_struct_ref_seq.pdbx_seq_align_beg_ins_code   ? 
_struct_ref_seq.seq_align_end                 44 
_struct_ref_seq.pdbx_seq_align_end_ins_code   ? 
_struct_ref_seq.pdbx_db_accession             Q07954 
_struct_ref_seq.db_align_beg                  1011 
_struct_ref_seq.pdbx_db_align_beg_ins_code    ? 
_struct_ref_seq.db_align_end                  1054 
_struct_ref_seq.pdbx_db_align_end_ins_code    ? 
_struct_ref_seq.pdbx_auth_seq_align_beg       1 
_struct_ref_seq.pdbx_auth_seq_align_end       44 
# 
_struct_ref_seq_dif.align_id                     1 
_struct_ref_seq_dif.pdbx_pdb_id_code             1J8E 
_struct_ref_seq_dif.mon_id                       GLY 
_struct_ref_seq_dif.pdbx_pdb_strand_id           A 
_struct_ref_seq_dif.seq_num                      1 
_struct_ref_seq_dif.pdbx_pdb_ins_code            ? 
_struct_ref_seq_dif.pdbx_seq_db_name             UNP 
_struct_ref_seq_dif.pdbx_seq_db_accession_code   Q07954 
_struct_ref_seq_dif.db_mon_id                    CYS 
_struct_ref_seq_dif.pdbx_seq_db_seq_num          1011 
_struct_ref_seq_dif.details                      'engineered mutation' 
_struct_ref_seq_dif.pdbx_auth_seq_num            1 
_struct_ref_seq_dif.pdbx_ordinal                 1 
# 
_pdbx_struct_assembly.id                   1 
_pdbx_struct_assembly.details              author_defined_assembly 
_pdbx_struct_assembly.method_details       ? 
_pdbx_struct_assembly.oligomeric_details   monomeric 
_pdbx_struct_assembly.oligomeric_count     1 
# 
_pdbx_struct_assembly_gen.assembly_id       1 
_pdbx_struct_assembly_gen.oper_expression   1 
_pdbx_struct_assembly_gen.asym_id_list      A,B,C 
# 
_pdbx_struct_oper_list.id                   1 
_pdbx_struct_oper_list.type                 'identity operation' 
_pdbx_struct_oper_list.name                 1_555 
_pdbx_struct_oper_list.symmetry_operation   x,y,z 
_pdbx_struct_oper_list.matrix[1][1]         1.0000000000 
_pdbx_struct_oper_list.matrix[1][2]         0.0000000000 
_pdbx_struct_oper_list.matrix[1][3]         0.0000000000 
_pdbx_struct_oper_list.vector[1]            0.0000000000 
_pdbx_struct_oper_list.matrix[2][1]         0.0000000000 
_pdbx_struct_oper_list.matrix[2][2]         1.0000000000 
_pdbx_struct_oper_list.matrix[2][3]         0.0000000000 
_pdbx_struct_oper_list.vector[2]            0.0000000000 
_pdbx_struct_oper_list.matrix[3][1]         0.0000000000 
_pdbx_struct_oper_list.matrix[3][2]         0.0000000000 
_pdbx_struct_oper_list.matrix[3][3]         1.0000000000 
_pdbx_struct_oper_list.vector[3]            0.0000000000 
# 
_struct_biol.id                    1 
_struct_biol.pdbx_parent_biol_id   ? 
_struct_biol.details               ? 
# 
loop_
_struct_conf.conf_type_id 
_struct_conf.id 
_struct_conf.pdbx_PDB_helix_id 
_struct_conf.beg_label_comp_id 
_struct_conf.beg_label_asym_id 
_struct_conf.beg_label_seq_id 
_struct_conf.pdbx_beg_PDB_ins_code 
_struct_conf.end_label_comp_id 
_struct_conf.end_label_asym_id 
_struct_conf.end_label_seq_id 
_struct_conf.pdbx_end_PDB_ins_code 
_struct_conf.beg_auth_comp_id 
_struct_conf.beg_auth_asym_id 
_struct_conf.beg_auth_seq_id 
_struct_conf.end_auth_comp_id 
_struct_conf.end_auth_asym_id 
_struct_conf.end_auth_seq_id 
_struct_conf.pdbx_PDB_helix_class 
_struct_conf.details 
_struct_conf.pdbx_PDB_helix_length 
HELX_P HELX_P1 1 HIS A 21 ? THR A 23 ? HIS A 21 THR A 23 5 ? 3 
HELX_P HELX_P2 2 TYR A 33 ? GLU A 36 ? TYR A 33 GLU A 36 5 ? 4 
HELX_P HELX_P3 3 THR A 37 ? THR A 42 ? THR A 37 THR A 42 1 ? 6 
# 
_struct_conf_type.id          HELX_P 
_struct_conf_type.criteria    ? 
_struct_conf_type.reference   ? 
# 
loop_
_struct_conn.id 
_struct_conn.conn_type_id 
_struct_conn.pdbx_leaving_atom_flag 
_struct_conn.pdbx_PDB_id 
_struct_conn.ptnr1_label_asym_id 
_struct_conn.ptnr1_label_comp_id 
_struct_conn.ptnr1_label_seq_id 
_struct_conn.ptnr1_label_atom_id 
_struct_conn.pdbx_ptnr1_label_alt_id 
_struct_conn.pdbx_ptnr1_PDB_ins_code 
_struct_conn.pdbx_ptnr1_standard_comp_id 
_struct_conn.ptnr1_symmetry 
_struct_conn.ptnr2_label_asym_id 
_struct_conn.ptnr2_label_comp_id 
_struct_conn.ptnr2_label_seq_id 
_struct_conn.ptnr2_label_atom_id 
_struct_conn.pdbx_ptnr2_label_alt_id 
_struct_conn.pdbx_ptnr2_PDB_ins_code 
_struct_conn.ptnr1_auth_asym_id 
_struct_conn.ptnr1_auth_comp_id 
_struct_conn.ptnr1_auth_seq_id 
_struct_conn.ptnr2_auth_asym_id 
_struct_conn.ptnr2_auth_comp_id 
_struct_conn.ptnr2_auth_seq_id 
_struct_conn.ptnr2_symmetry 
_struct_conn.pdbx_ptnr3_label_atom_id 
_struct_conn.pdbx_ptnr3_label_seq_id 
_struct_conn.pdbx_ptnr3_label_comp_id 
_struct_conn.pdbx_ptnr3_label_asym_id 
_struct_conn.pdbx_ptnr3_label_alt_id 
_struct_conn.pdbx_ptnr3_PDB_ins_code 
_struct_conn.details 
_struct_conn.pdbx_dist_value 
_struct_conn.pdbx_value_order 
_struct_conn.pdbx_role 
disulf1 disulf ? ? A CYS 5  SG  ? ? ? 1_555 A CYS 17 SG ? ? A CYS 5  A CYS 17  1_555 ? ? ? ? ? ? ? 2.030 ? ? 
disulf2 disulf ? ? A CYS 12 SG  ? ? ? 1_555 A CYS 30 SG ? ? A CYS 12 A CYS 30  1_555 ? ? ? ? ? ? ? 2.032 ? ? 
disulf3 disulf ? ? A CYS 24 SG  ? ? ? 1_555 A CYS 41 SG ? ? A CYS 24 A CYS 41  1_555 ? ? ? ? ? ? ? 2.033 ? ? 
metalc1 metalc ? ? A TRP 22 O   ? ? ? 1_555 B CA  .  CA ? ? A TRP 22 A CA  201 1_555 ? ? ? ? ? ? ? 2.302 ? ? 
metalc2 metalc ? ? A ASP 25 OD1 ? ? ? 1_555 B CA  .  CA ? ? A ASP 25 A CA  201 1_555 ? ? ? ? ? ? ? 2.435 ? ? 
metalc3 metalc ? ? A ASP 27 O   ? ? ? 1_555 B CA  .  CA ? ? A ASP 27 A CA  201 1_555 ? ? ? ? ? ? ? 2.313 ? ? 
metalc4 metalc ? ? A ASP 29 OD1 ? ? ? 1_555 B CA  .  CA ? ? A ASP 29 A CA  201 1_555 ? ? ? ? ? ? ? 2.332 ? ? 
metalc5 metalc ? ? A ASP 35 OD1 ? ? ? 1_555 B CA  .  CA ? ? A ASP 35 A CA  201 1_555 ? ? ? ? ? ? ? 2.304 ? ? 
metalc6 metalc ? ? A GLU 36 OE1 ? ? ? 1_555 B CA  .  CA ? ? A GLU 36 A CA  201 1_555 ? ? ? ? ? ? ? 2.299 ? ? 
# 
loop_
_struct_conn_type.id 
_struct_conn_type.criteria 
_struct_conn_type.reference 
disulf ? ? 
metalc ? ? 
# 
loop_
_pdbx_struct_conn_angle.id 
_pdbx_struct_conn_angle.ptnr1_label_atom_id 
_pdbx_struct_conn_angle.ptnr1_label_alt_id 
_pdbx_struct_conn_angle.ptnr1_label_asym_id 
_pdbx_struct_conn_angle.ptnr1_label_comp_id 
_pdbx_struct_conn_angle.ptnr1_label_seq_id 
_pdbx_struct_conn_angle.ptnr1_auth_atom_id 
_pdbx_struct_conn_angle.ptnr1_auth_asym_id 
_pdbx_struct_conn_angle.ptnr1_auth_comp_id 
_pdbx_struct_conn_angle.ptnr1_auth_seq_id 
_pdbx_struct_conn_angle.ptnr1_PDB_ins_code 
_pdbx_struct_conn_angle.ptnr1_symmetry 
_pdbx_struct_conn_angle.ptnr2_label_atom_id 
_pdbx_struct_conn_angle.ptnr2_label_alt_id 
_pdbx_struct_conn_angle.ptnr2_label_asym_id 
_pdbx_struct_conn_angle.ptnr2_label_comp_id 
_pdbx_struct_conn_angle.ptnr2_label_seq_id 
_pdbx_struct_conn_angle.ptnr2_auth_atom_id 
_pdbx_struct_conn_angle.ptnr2_auth_asym_id 
_pdbx_struct_conn_angle.ptnr2_auth_comp_id 
_pdbx_struct_conn_angle.ptnr2_auth_seq_id 
_pdbx_struct_conn_angle.ptnr2_PDB_ins_code 
_pdbx_struct_conn_angle.ptnr2_symmetry 
_pdbx_struct_conn_angle.ptnr3_label_atom_id 
_pdbx_struct_conn_angle.ptnr3_label_alt_id 
_pdbx_struct_conn_angle.ptnr3_label_asym_id 
_pdbx_struct_conn_angle.ptnr3_label_comp_id 
_pdbx_struct_conn_angle.ptnr3_label_seq_id 
_pdbx_struct_conn_angle.ptnr3_auth_atom_id 
_pdbx_struct_conn_angle.ptnr3_auth_asym_id 
_pdbx_struct_conn_angle.ptnr3_auth_comp_id 
_pdbx_struct_conn_angle.ptnr3_auth_seq_id 
_pdbx_struct_conn_angle.ptnr3_PDB_ins_code 
_pdbx_struct_conn_angle.ptnr3_symmetry 
_pdbx_struct_conn_angle.value 
_pdbx_struct_conn_angle.value_esd 
1  O   ? A TRP 22 ? A TRP 22 ? 1_555 CA ? B CA . ? A CA 201 ? 1_555 OD1 ? A ASP 25 ? A ASP 25 ? 1_555 86.7  ? 
2  O   ? A TRP 22 ? A TRP 22 ? 1_555 CA ? B CA . ? A CA 201 ? 1_555 O   ? A ASP 27 ? A ASP 27 ? 1_555 176.0 ? 
3  OD1 ? A ASP 25 ? A ASP 25 ? 1_555 CA ? B CA . ? A CA 201 ? 1_555 O   ? A ASP 27 ? A ASP 27 ? 1_555 91.0  ? 
4  O   ? A TRP 22 ? A TRP 22 ? 1_555 CA ? B CA . ? A CA 201 ? 1_555 OD1 ? A ASP 29 ? A ASP 29 ? 1_555 86.8  ? 
5  OD1 ? A ASP 25 ? A ASP 25 ? 1_555 CA ? B CA . ? A CA 201 ? 1_555 OD1 ? A ASP 29 ? A ASP 29 ? 1_555 89.5  ? 
6  O   ? A ASP 27 ? A ASP 27 ? 1_555 CA ? B CA . ? A CA 201 ? 1_555 OD1 ? A ASP 29 ? A ASP 29 ? 1_555 89.8  ? 
7  O   ? A TRP 22 ? A TRP 22 ? 1_555 CA ? B CA . ? A CA 201 ? 1_555 OD1 ? A ASP 35 ? A ASP 35 ? 1_555 98.9  ? 
8  OD1 ? A ASP 25 ? A ASP 25 ? 1_555 CA ? B CA . ? A CA 201 ? 1_555 OD1 ? A ASP 35 ? A ASP 35 ? 1_555 174.3 ? 
9  O   ? A ASP 27 ? A ASP 27 ? 1_555 CA ? B CA . ? A CA 201 ? 1_555 OD1 ? A ASP 35 ? A ASP 35 ? 1_555 83.2  ? 
10 OD1 ? A ASP 29 ? A ASP 29 ? 1_555 CA ? B CA . ? A CA 201 ? 1_555 OD1 ? A ASP 35 ? A ASP 35 ? 1_555 90.1  ? 
11 O   ? A TRP 22 ? A TRP 22 ? 1_555 CA ? B CA . ? A CA 201 ? 1_555 OE1 ? A GLU 36 ? A GLU 36 ? 1_555 101.4 ? 
12 OD1 ? A ASP 25 ? A ASP 25 ? 1_555 CA ? B CA . ? A CA 201 ? 1_555 OE1 ? A GLU 36 ? A GLU 36 ? 1_555 80.6  ? 
13 O   ? A ASP 27 ? A ASP 27 ? 1_555 CA ? B CA . ? A CA 201 ? 1_555 OE1 ? A GLU 36 ? A GLU 36 ? 1_555 81.5  ? 
14 OD1 ? A ASP 29 ? A ASP 29 ? 1_555 CA ? B CA . ? A CA 201 ? 1_555 OE1 ? A GLU 36 ? A GLU 36 ? 1_555 166.7 ? 
15 OD1 ? A ASP 35 ? A ASP 35 ? 1_555 CA ? B CA . ? A CA 201 ? 1_555 OE1 ? A GLU 36 ? A GLU 36 ? 1_555 98.8  ? 
# 
loop_
_pdbx_modification_feature.ordinal 
_pdbx_modification_feature.label_comp_id 
_pdbx_modification_feature.label_asym_id 
_pdbx_modification_feature.label_seq_id 
_pdbx_modification_feature.label_alt_id 
_pdbx_modification_feature.modified_residue_label_comp_id 
_pdbx_modification_feature.modified_residue_label_asym_id 
_pdbx_modification_feature.modified_residue_label_seq_id 
_pdbx_modification_feature.modified_residue_label_alt_id 
_pdbx_modification_feature.auth_comp_id 
_pdbx_modification_feature.auth_asym_id 
_pdbx_modification_feature.auth_seq_id 
_pdbx_modification_feature.PDB_ins_code 
_pdbx_modification_feature.symmetry 
_pdbx_modification_feature.modified_residue_auth_comp_id 
_pdbx_modification_feature.modified_residue_auth_asym_id 
_pdbx_modification_feature.modified_residue_auth_seq_id 
_pdbx_modification_feature.modified_residue_PDB_ins_code 
_pdbx_modification_feature.modified_residue_symmetry 
_pdbx_modification_feature.comp_id_linking_atom 
_pdbx_modification_feature.modified_residue_id_linking_atom 
_pdbx_modification_feature.modified_residue_id 
_pdbx_modification_feature.ref_pcm_id 
_pdbx_modification_feature.ref_comp_id 
_pdbx_modification_feature.type 
_pdbx_modification_feature.category 
1 CYS A 5  ? CYS A 17 ? CYS A 5  ? 1_555 CYS A 17 ? 1_555 SG SG . . . None 'Disulfide bridge' 
2 CYS A 12 ? CYS A 30 ? CYS A 12 ? 1_555 CYS A 30 ? 1_555 SG SG . . . None 'Disulfide bridge' 
3 CYS A 24 ? CYS A 41 ? CYS A 24 ? 1_555 CYS A 41 ? 1_555 SG SG . . . None 'Disulfide bridge' 
# 
_struct_sheet.id               A 
_struct_sheet.type             ? 
_struct_sheet.number_strands   2 
_struct_sheet.details          ? 
# 
_struct_sheet_order.sheet_id     A 
_struct_sheet_order.range_id_1   1 
_struct_sheet_order.range_id_2   2 
_struct_sheet_order.offset       ? 
_struct_sheet_order.sense        anti-parallel 
# 
loop_
_struct_sheet_range.sheet_id 
_struct_sheet_range.id 
_struct_sheet_range.beg_label_comp_id 
_struct_sheet_range.beg_label_asym_id 
_struct_sheet_range.beg_label_seq_id 
_struct_sheet_range.pdbx_beg_PDB_ins_code 
_struct_sheet_range.end_label_comp_id 
_struct_sheet_range.end_label_asym_id 
_struct_sheet_range.end_label_seq_id 
_struct_sheet_range.pdbx_end_PDB_ins_code 
_struct_sheet_range.beg_auth_comp_id 
_struct_sheet_range.beg_auth_asym_id 
_struct_sheet_range.beg_auth_seq_id 
_struct_sheet_range.end_auth_comp_id 
_struct_sheet_range.end_auth_asym_id 
_struct_sheet_range.end_auth_seq_id 
A 1 GLN A 9  ? LYS A 11 ? GLN A 9  LYS A 11 
A 2 CYS A 17 ? PRO A 19 ? CYS A 17 PRO A 19 
# 
_pdbx_struct_sheet_hbond.sheet_id                A 
_pdbx_struct_sheet_hbond.range_id_1              1 
_pdbx_struct_sheet_hbond.range_id_2              2 
_pdbx_struct_sheet_hbond.range_1_label_atom_id   N 
_pdbx_struct_sheet_hbond.range_1_label_comp_id   PHE 
_pdbx_struct_sheet_hbond.range_1_label_asym_id   A 
_pdbx_struct_sheet_hbond.range_1_label_seq_id    10 
_pdbx_struct_sheet_hbond.range_1_PDB_ins_code    ? 
_pdbx_struct_sheet_hbond.range_1_auth_atom_id    N 
_pdbx_struct_sheet_hbond.range_1_auth_comp_id    PHE 
_pdbx_struct_sheet_hbond.range_1_auth_asym_id    A 
_pdbx_struct_sheet_hbond.range_1_auth_seq_id     10 
_pdbx_struct_sheet_hbond.range_2_label_atom_id   O 
_pdbx_struct_sheet_hbond.range_2_label_comp_id   ILE 
_pdbx_struct_sheet_hbond.range_2_label_asym_id   A 
_pdbx_struct_sheet_hbond.range_2_label_seq_id    18 
_pdbx_struct_sheet_hbond.range_2_PDB_ins_code    ? 
_pdbx_struct_sheet_hbond.range_2_auth_atom_id    O 
_pdbx_struct_sheet_hbond.range_2_auth_comp_id    ILE 
_pdbx_struct_sheet_hbond.range_2_auth_asym_id    A 
_pdbx_struct_sheet_hbond.range_2_auth_seq_id     18 
# 
_struct_site.id                   AC1 
_struct_site.pdbx_evidence_code   Software 
_struct_site.pdbx_auth_asym_id    A 
_struct_site.pdbx_auth_comp_id    CA 
_struct_site.pdbx_auth_seq_id     201 
_struct_site.pdbx_auth_ins_code   ? 
_struct_site.pdbx_num_residues    6 
_struct_site.details              'BINDING SITE FOR RESIDUE CA A 201' 
# 
loop_
_struct_site_gen.id 
_struct_site_gen.site_id 
_struct_site_gen.pdbx_num_res 
_struct_site_gen.label_comp_id 
_struct_site_gen.label_asym_id 
_struct_site_gen.label_seq_id 
_struct_site_gen.pdbx_auth_ins_code 
_struct_site_gen.auth_comp_id 
_struct_site_gen.auth_asym_id 
_struct_site_gen.auth_seq_id 
_struct_site_gen.label_atom_id 
_struct_site_gen.label_alt_id 
_struct_site_gen.symmetry 
_struct_site_gen.details 
1 AC1 6 TRP A 22 ? TRP A 22 . ? 1_555 ? 
2 AC1 6 ASP A 25 ? ASP A 25 . ? 1_555 ? 
3 AC1 6 ASP A 27 ? ASP A 27 . ? 1_555 ? 
4 AC1 6 ASP A 29 ? ASP A 29 . ? 1_555 ? 
5 AC1 6 ASP A 35 ? ASP A 35 . ? 1_555 ? 
6 AC1 6 GLU A 36 ? GLU A 36 . ? 1_555 ? 
# 
_pdbx_entry_details.entry_id                   1J8E 
_pdbx_entry_details.compound_details           ? 
_pdbx_entry_details.source_details             ? 
_pdbx_entry_details.nonpolymer_details         ? 
_pdbx_entry_details.sequence_details           ? 
_pdbx_entry_details.has_ligand_of_interest     ? 
_pdbx_entry_details.has_protein_modification   Y 
# 
_pdbx_validate_torsion.id              1 
_pdbx_validate_torsion.PDB_model_num   1 
_pdbx_validate_torsion.auth_comp_id    CYS 
_pdbx_validate_torsion.auth_asym_id    A 
_pdbx_validate_torsion.auth_seq_id     24 
_pdbx_validate_torsion.PDB_ins_code    ? 
_pdbx_validate_torsion.label_alt_id    ? 
_pdbx_validate_torsion.phi             36.04 
_pdbx_validate_torsion.psi             62.34 
# 
loop_
_chem_comp_atom.comp_id 
_chem_comp_atom.atom_id 
_chem_comp_atom.type_symbol 
_chem_comp_atom.pdbx_aromatic_flag 
_chem_comp_atom.pdbx_stereo_config 
_chem_comp_atom.pdbx_ordinal 
ALA N    N  N N 1   
ALA CA   C  N S 2   
ALA C    C  N N 3   
ALA O    O  N N 4   
ALA CB   C  N N 5   
ALA OXT  O  N N 6   
ALA H    H  N N 7   
ALA H2   H  N N 8   
ALA HA   H  N N 9   
ALA HB1  H  N N 10  
ALA HB2  H  N N 11  
ALA HB3  H  N N 12  
ALA HXT  H  N N 13  
ARG N    N  N N 14  
ARG CA   C  N S 15  
ARG C    C  N N 16  
ARG O    O  N N 17  
ARG CB   C  N N 18  
ARG CG   C  N N 19  
ARG CD   C  N N 20  
ARG NE   N  N N 21  
ARG CZ   C  N N 22  
ARG NH1  N  N N 23  
ARG NH2  N  N N 24  
ARG OXT  O  N N 25  
ARG H    H  N N 26  
ARG H2   H  N N 27  
ARG HA   H  N N 28  
ARG HB2  H  N N 29  
ARG HB3  H  N N 30  
ARG HG2  H  N N 31  
ARG HG3  H  N N 32  
ARG HD2  H  N N 33  
ARG HD3  H  N N 34  
ARG HE   H  N N 35  
ARG HH11 H  N N 36  
ARG HH12 H  N N 37  
ARG HH21 H  N N 38  
ARG HH22 H  N N 39  
ARG HXT  H  N N 40  
ASN N    N  N N 41  
ASN CA   C  N S 42  
ASN C    C  N N 43  
ASN O    O  N N 44  
ASN CB   C  N N 45  
ASN CG   C  N N 46  
ASN OD1  O  N N 47  
ASN ND2  N  N N 48  
ASN OXT  O  N N 49  
ASN H    H  N N 50  
ASN H2   H  N N 51  
ASN HA   H  N N 52  
ASN HB2  H  N N 53  
ASN HB3  H  N N 54  
ASN HD21 H  N N 55  
ASN HD22 H  N N 56  
ASN HXT  H  N N 57  
ASP N    N  N N 58  
ASP CA   C  N S 59  
ASP C    C  N N 60  
ASP O    O  N N 61  
ASP CB   C  N N 62  
ASP CG   C  N N 63  
ASP OD1  O  N N 64  
ASP OD2  O  N N 65  
ASP OXT  O  N N 66  
ASP H    H  N N 67  
ASP H2   H  N N 68  
ASP HA   H  N N 69  
ASP HB2  H  N N 70  
ASP HB3  H  N N 71  
ASP HD2  H  N N 72  
ASP HXT  H  N N 73  
CA  CA   CA N N 74  
CYS N    N  N N 75  
CYS CA   C  N R 76  
CYS C    C  N N 77  
CYS O    O  N N 78  
CYS CB   C  N N 79  
CYS SG   S  N N 80  
CYS OXT  O  N N 81  
CYS H    H  N N 82  
CYS H2   H  N N 83  
CYS HA   H  N N 84  
CYS HB2  H  N N 85  
CYS HB3  H  N N 86  
CYS HG   H  N N 87  
CYS HXT  H  N N 88  
GLN N    N  N N 89  
GLN CA   C  N S 90  
GLN C    C  N N 91  
GLN O    O  N N 92  
GLN CB   C  N N 93  
GLN CG   C  N N 94  
GLN CD   C  N N 95  
GLN OE1  O  N N 96  
GLN NE2  N  N N 97  
GLN OXT  O  N N 98  
GLN H    H  N N 99  
GLN H2   H  N N 100 
GLN HA   H  N N 101 
GLN HB2  H  N N 102 
GLN HB3  H  N N 103 
GLN HG2  H  N N 104 
GLN HG3  H  N N 105 
GLN HE21 H  N N 106 
GLN HE22 H  N N 107 
GLN HXT  H  N N 108 
GLU N    N  N N 109 
GLU CA   C  N S 110 
GLU C    C  N N 111 
GLU O    O  N N 112 
GLU CB   C  N N 113 
GLU CG   C  N N 114 
GLU CD   C  N N 115 
GLU OE1  O  N N 116 
GLU OE2  O  N N 117 
GLU OXT  O  N N 118 
GLU H    H  N N 119 
GLU H2   H  N N 120 
GLU HA   H  N N 121 
GLU HB2  H  N N 122 
GLU HB3  H  N N 123 
GLU HG2  H  N N 124 
GLU HG3  H  N N 125 
GLU HE2  H  N N 126 
GLU HXT  H  N N 127 
GLY N    N  N N 128 
GLY CA   C  N N 129 
GLY C    C  N N 130 
GLY O    O  N N 131 
GLY OXT  O  N N 132 
GLY H    H  N N 133 
GLY H2   H  N N 134 
GLY HA2  H  N N 135 
GLY HA3  H  N N 136 
GLY HXT  H  N N 137 
HIS N    N  N N 138 
HIS CA   C  N S 139 
HIS C    C  N N 140 
HIS O    O  N N 141 
HIS CB   C  N N 142 
HIS CG   C  Y N 143 
HIS ND1  N  Y N 144 
HIS CD2  C  Y N 145 
HIS CE1  C  Y N 146 
HIS NE2  N  Y N 147 
HIS OXT  O  N N 148 
HIS H    H  N N 149 
HIS H2   H  N N 150 
HIS HA   H  N N 151 
HIS HB2  H  N N 152 
HIS HB3  H  N N 153 
HIS HD1  H  N N 154 
HIS HD2  H  N N 155 
HIS HE1  H  N N 156 
HIS HE2  H  N N 157 
HIS HXT  H  N N 158 
HOH O    O  N N 159 
HOH H1   H  N N 160 
HOH H2   H  N N 161 
ILE N    N  N N 162 
ILE CA   C  N S 163 
ILE C    C  N N 164 
ILE O    O  N N 165 
ILE CB   C  N S 166 
ILE CG1  C  N N 167 
ILE CG2  C  N N 168 
ILE CD1  C  N N 169 
ILE OXT  O  N N 170 
ILE H    H  N N 171 
ILE H2   H  N N 172 
ILE HA   H  N N 173 
ILE HB   H  N N 174 
ILE HG12 H  N N 175 
ILE HG13 H  N N 176 
ILE HG21 H  N N 177 
ILE HG22 H  N N 178 
ILE HG23 H  N N 179 
ILE HD11 H  N N 180 
ILE HD12 H  N N 181 
ILE HD13 H  N N 182 
ILE HXT  H  N N 183 
LYS N    N  N N 184 
LYS CA   C  N S 185 
LYS C    C  N N 186 
LYS O    O  N N 187 
LYS CB   C  N N 188 
LYS CG   C  N N 189 
LYS CD   C  N N 190 
LYS CE   C  N N 191 
LYS NZ   N  N N 192 
LYS OXT  O  N N 193 
LYS H    H  N N 194 
LYS H2   H  N N 195 
LYS HA   H  N N 196 
LYS HB2  H  N N 197 
LYS HB3  H  N N 198 
LYS HG2  H  N N 199 
LYS HG3  H  N N 200 
LYS HD2  H  N N 201 
LYS HD3  H  N N 202 
LYS HE2  H  N N 203 
LYS HE3  H  N N 204 
LYS HZ1  H  N N 205 
LYS HZ2  H  N N 206 
LYS HZ3  H  N N 207 
LYS HXT  H  N N 208 
PHE N    N  N N 209 
PHE CA   C  N S 210 
PHE C    C  N N 211 
PHE O    O  N N 212 
PHE CB   C  N N 213 
PHE CG   C  Y N 214 
PHE CD1  C  Y N 215 
PHE CD2  C  Y N 216 
PHE CE1  C  Y N 217 
PHE CE2  C  Y N 218 
PHE CZ   C  Y N 219 
PHE OXT  O  N N 220 
PHE H    H  N N 221 
PHE H2   H  N N 222 
PHE HA   H  N N 223 
PHE HB2  H  N N 224 
PHE HB3  H  N N 225 
PHE HD1  H  N N 226 
PHE HD2  H  N N 227 
PHE HE1  H  N N 228 
PHE HE2  H  N N 229 
PHE HZ   H  N N 230 
PHE HXT  H  N N 231 
PRO N    N  N N 232 
PRO CA   C  N S 233 
PRO C    C  N N 234 
PRO O    O  N N 235 
PRO CB   C  N N 236 
PRO CG   C  N N 237 
PRO CD   C  N N 238 
PRO OXT  O  N N 239 
PRO H    H  N N 240 
PRO HA   H  N N 241 
PRO HB2  H  N N 242 
PRO HB3  H  N N 243 
PRO HG2  H  N N 244 
PRO HG3  H  N N 245 
PRO HD2  H  N N 246 
PRO HD3  H  N N 247 
PRO HXT  H  N N 248 
SER N    N  N N 249 
SER CA   C  N S 250 
SER C    C  N N 251 
SER O    O  N N 252 
SER CB   C  N N 253 
SER OG   O  N N 254 
SER OXT  O  N N 255 
SER H    H  N N 256 
SER H2   H  N N 257 
SER HA   H  N N 258 
SER HB2  H  N N 259 
SER HB3  H  N N 260 
SER HG   H  N N 261 
SER HXT  H  N N 262 
THR N    N  N N 263 
THR CA   C  N S 264 
THR C    C  N N 265 
THR O    O  N N 266 
THR CB   C  N R 267 
THR OG1  O  N N 268 
THR CG2  C  N N 269 
THR OXT  O  N N 270 
THR H    H  N N 271 
THR H2   H  N N 272 
THR HA   H  N N 273 
THR HB   H  N N 274 
THR HG1  H  N N 275 
THR HG21 H  N N 276 
THR HG22 H  N N 277 
THR HG23 H  N N 278 
THR HXT  H  N N 279 
TRP N    N  N N 280 
TRP CA   C  N S 281 
TRP C    C  N N 282 
TRP O    O  N N 283 
TRP CB   C  N N 284 
TRP CG   C  Y N 285 
TRP CD1  C  Y N 286 
TRP CD2  C  Y N 287 
TRP NE1  N  Y N 288 
TRP CE2  C  Y N 289 
TRP CE3  C  Y N 290 
TRP CZ2  C  Y N 291 
TRP CZ3  C  Y N 292 
TRP CH2  C  Y N 293 
TRP OXT  O  N N 294 
TRP H    H  N N 295 
TRP H2   H  N N 296 
TRP HA   H  N N 297 
TRP HB2  H  N N 298 
TRP HB3  H  N N 299 
TRP HD1  H  N N 300 
TRP HE1  H  N N 301 
TRP HE3  H  N N 302 
TRP HZ2  H  N N 303 
TRP HZ3  H  N N 304 
TRP HH2  H  N N 305 
TRP HXT  H  N N 306 
TYR N    N  N N 307 
TYR CA   C  N S 308 
TYR C    C  N N 309 
TYR O    O  N N 310 
TYR CB   C  N N 311 
TYR CG   C  Y N 312 
TYR CD1  C  Y N 313 
TYR CD2  C  Y N 314 
TYR CE1  C  Y N 315 
TYR CE2  C  Y N 316 
TYR CZ   C  Y N 317 
TYR OH   O  N N 318 
TYR OXT  O  N N 319 
TYR H    H  N N 320 
TYR H2   H  N N 321 
TYR HA   H  N N 322 
TYR HB2  H  N N 323 
TYR HB3  H  N N 324 
TYR HD1  H  N N 325 
TYR HD2  H  N N 326 
TYR HE1  H  N N 327 
TYR HE2  H  N N 328 
TYR HH   H  N N 329 
TYR HXT  H  N N 330 
# 
loop_
_chem_comp_bond.comp_id 
_chem_comp_bond.atom_id_1 
_chem_comp_bond.atom_id_2 
_chem_comp_bond.value_order 
_chem_comp_bond.pdbx_aromatic_flag 
_chem_comp_bond.pdbx_stereo_config 
_chem_comp_bond.pdbx_ordinal 
ALA N   CA   sing N N 1   
ALA N   H    sing N N 2   
ALA N   H2   sing N N 3   
ALA CA  C    sing N N 4   
ALA CA  CB   sing N N 5   
ALA CA  HA   sing N N 6   
ALA C   O    doub N N 7   
ALA C   OXT  sing N N 8   
ALA CB  HB1  sing N N 9   
ALA CB  HB2  sing N N 10  
ALA CB  HB3  sing N N 11  
ALA OXT HXT  sing N N 12  
ARG N   CA   sing N N 13  
ARG N   H    sing N N 14  
ARG N   H2   sing N N 15  
ARG CA  C    sing N N 16  
ARG CA  CB   sing N N 17  
ARG CA  HA   sing N N 18  
ARG C   O    doub N N 19  
ARG C   OXT  sing N N 20  
ARG CB  CG   sing N N 21  
ARG CB  HB2  sing N N 22  
ARG CB  HB3  sing N N 23  
ARG CG  CD   sing N N 24  
ARG CG  HG2  sing N N 25  
ARG CG  HG3  sing N N 26  
ARG CD  NE   sing N N 27  
ARG CD  HD2  sing N N 28  
ARG CD  HD3  sing N N 29  
ARG NE  CZ   sing N N 30  
ARG NE  HE   sing N N 31  
ARG CZ  NH1  sing N N 32  
ARG CZ  NH2  doub N N 33  
ARG NH1 HH11 sing N N 34  
ARG NH1 HH12 sing N N 35  
ARG NH2 HH21 sing N N 36  
ARG NH2 HH22 sing N N 37  
ARG OXT HXT  sing N N 38  
ASN N   CA   sing N N 39  
ASN N   H    sing N N 40  
ASN N   H2   sing N N 41  
ASN CA  C    sing N N 42  
ASN CA  CB   sing N N 43  
ASN CA  HA   sing N N 44  
ASN C   O    doub N N 45  
ASN C   OXT  sing N N 46  
ASN CB  CG   sing N N 47  
ASN CB  HB2  sing N N 48  
ASN CB  HB3  sing N N 49  
ASN CG  OD1  doub N N 50  
ASN CG  ND2  sing N N 51  
ASN ND2 HD21 sing N N 52  
ASN ND2 HD22 sing N N 53  
ASN OXT HXT  sing N N 54  
ASP N   CA   sing N N 55  
ASP N   H    sing N N 56  
ASP N   H2   sing N N 57  
ASP CA  C    sing N N 58  
ASP CA  CB   sing N N 59  
ASP CA  HA   sing N N 60  
ASP C   O    doub N N 61  
ASP C   OXT  sing N N 62  
ASP CB  CG   sing N N 63  
ASP CB  HB2  sing N N 64  
ASP CB  HB3  sing N N 65  
ASP CG  OD1  doub N N 66  
ASP CG  OD2  sing N N 67  
ASP OD2 HD2  sing N N 68  
ASP OXT HXT  sing N N 69  
CYS N   CA   sing N N 70  
CYS N   H    sing N N 71  
CYS N   H2   sing N N 72  
CYS CA  C    sing N N 73  
CYS CA  CB   sing N N 74  
CYS CA  HA   sing N N 75  
CYS C   O    doub N N 76  
CYS C   OXT  sing N N 77  
CYS CB  SG   sing N N 78  
CYS CB  HB2  sing N N 79  
CYS CB  HB3  sing N N 80  
CYS SG  HG   sing N N 81  
CYS OXT HXT  sing N N 82  
GLN N   CA   sing N N 83  
GLN N   H    sing N N 84  
GLN N   H2   sing N N 85  
GLN CA  C    sing N N 86  
GLN CA  CB   sing N N 87  
GLN CA  HA   sing N N 88  
GLN C   O    doub N N 89  
GLN C   OXT  sing N N 90  
GLN CB  CG   sing N N 91  
GLN CB  HB2  sing N N 92  
GLN CB  HB3  sing N N 93  
GLN CG  CD   sing N N 94  
GLN CG  HG2  sing N N 95  
GLN CG  HG3  sing N N 96  
GLN CD  OE1  doub N N 97  
GLN CD  NE2  sing N N 98  
GLN NE2 HE21 sing N N 99  
GLN NE2 HE22 sing N N 100 
GLN OXT HXT  sing N N 101 
GLU N   CA   sing N N 102 
GLU N   H    sing N N 103 
GLU N   H2   sing N N 104 
GLU CA  C    sing N N 105 
GLU CA  CB   sing N N 106 
GLU CA  HA   sing N N 107 
GLU C   O    doub N N 108 
GLU C   OXT  sing N N 109 
GLU CB  CG   sing N N 110 
GLU CB  HB2  sing N N 111 
GLU CB  HB3  sing N N 112 
GLU CG  CD   sing N N 113 
GLU CG  HG2  sing N N 114 
GLU CG  HG3  sing N N 115 
GLU CD  OE1  doub N N 116 
GLU CD  OE2  sing N N 117 
GLU OE2 HE2  sing N N 118 
GLU OXT HXT  sing N N 119 
GLY N   CA   sing N N 120 
GLY N   H    sing N N 121 
GLY N   H2   sing N N 122 
GLY CA  C    sing N N 123 
GLY CA  HA2  sing N N 124 
GLY CA  HA3  sing N N 125 
GLY C   O    doub N N 126 
GLY C   OXT  sing N N 127 
GLY OXT HXT  sing N N 128 
HIS N   CA   sing N N 129 
HIS N   H    sing N N 130 
HIS N   H2   sing N N 131 
HIS CA  C    sing N N 132 
HIS CA  CB   sing N N 133 
HIS CA  HA   sing N N 134 
HIS C   O    doub N N 135 
HIS C   OXT  sing N N 136 
HIS CB  CG   sing N N 137 
HIS CB  HB2  sing N N 138 
HIS CB  HB3  sing N N 139 
HIS CG  ND1  sing Y N 140 
HIS CG  CD2  doub Y N 141 
HIS ND1 CE1  doub Y N 142 
HIS ND1 HD1  sing N N 143 
HIS CD2 NE2  sing Y N 144 
HIS CD2 HD2  sing N N 145 
HIS CE1 NE2  sing Y N 146 
HIS CE1 HE1  sing N N 147 
HIS NE2 HE2  sing N N 148 
HIS OXT HXT  sing N N 149 
HOH O   H1   sing N N 150 
HOH O   H2   sing N N 151 
ILE N   CA   sing N N 152 
ILE N   H    sing N N 153 
ILE N   H2   sing N N 154 
ILE CA  C    sing N N 155 
ILE CA  CB   sing N N 156 
ILE CA  HA   sing N N 157 
ILE C   O    doub N N 158 
ILE C   OXT  sing N N 159 
ILE CB  CG1  sing N N 160 
ILE CB  CG2  sing N N 161 
ILE CB  HB   sing N N 162 
ILE CG1 CD1  sing N N 163 
ILE CG1 HG12 sing N N 164 
ILE CG1 HG13 sing N N 165 
ILE CG2 HG21 sing N N 166 
ILE CG2 HG22 sing N N 167 
ILE CG2 HG23 sing N N 168 
ILE CD1 HD11 sing N N 169 
ILE CD1 HD12 sing N N 170 
ILE CD1 HD13 sing N N 171 
ILE OXT HXT  sing N N 172 
LYS N   CA   sing N N 173 
LYS N   H    sing N N 174 
LYS N   H2   sing N N 175 
LYS CA  C    sing N N 176 
LYS CA  CB   sing N N 177 
LYS CA  HA   sing N N 178 
LYS C   O    doub N N 179 
LYS C   OXT  sing N N 180 
LYS CB  CG   sing N N 181 
LYS CB  HB2  sing N N 182 
LYS CB  HB3  sing N N 183 
LYS CG  CD   sing N N 184 
LYS CG  HG2  sing N N 185 
LYS CG  HG3  sing N N 186 
LYS CD  CE   sing N N 187 
LYS CD  HD2  sing N N 188 
LYS CD  HD3  sing N N 189 
LYS CE  NZ   sing N N 190 
LYS CE  HE2  sing N N 191 
LYS CE  HE3  sing N N 192 
LYS NZ  HZ1  sing N N 193 
LYS NZ  HZ2  sing N N 194 
LYS NZ  HZ3  sing N N 195 
LYS OXT HXT  sing N N 196 
PHE N   CA   sing N N 197 
PHE N   H    sing N N 198 
PHE N   H2   sing N N 199 
PHE CA  C    sing N N 200 
PHE CA  CB   sing N N 201 
PHE CA  HA   sing N N 202 
PHE C   O    doub N N 203 
PHE C   OXT  sing N N 204 
PHE CB  CG   sing N N 205 
PHE CB  HB2  sing N N 206 
PHE CB  HB3  sing N N 207 
PHE CG  CD1  doub Y N 208 
PHE CG  CD2  sing Y N 209 
PHE CD1 CE1  sing Y N 210 
PHE CD1 HD1  sing N N 211 
PHE CD2 CE2  doub Y N 212 
PHE CD2 HD2  sing N N 213 
PHE CE1 CZ   doub Y N 214 
PHE CE1 HE1  sing N N 215 
PHE CE2 CZ   sing Y N 216 
PHE CE2 HE2  sing N N 217 
PHE CZ  HZ   sing N N 218 
PHE OXT HXT  sing N N 219 
PRO N   CA   sing N N 220 
PRO N   CD   sing N N 221 
PRO N   H    sing N N 222 
PRO CA  C    sing N N 223 
PRO CA  CB   sing N N 224 
PRO CA  HA   sing N N 225 
PRO C   O    doub N N 226 
PRO C   OXT  sing N N 227 
PRO CB  CG   sing N N 228 
PRO CB  HB2  sing N N 229 
PRO CB  HB3  sing N N 230 
PRO CG  CD   sing N N 231 
PRO CG  HG2  sing N N 232 
PRO CG  HG3  sing N N 233 
PRO CD  HD2  sing N N 234 
PRO CD  HD3  sing N N 235 
PRO OXT HXT  sing N N 236 
SER N   CA   sing N N 237 
SER N   H    sing N N 238 
SER N   H2   sing N N 239 
SER CA  C    sing N N 240 
SER CA  CB   sing N N 241 
SER CA  HA   sing N N 242 
SER C   O    doub N N 243 
SER C   OXT  sing N N 244 
SER CB  OG   sing N N 245 
SER CB  HB2  sing N N 246 
SER CB  HB3  sing N N 247 
SER OG  HG   sing N N 248 
SER OXT HXT  sing N N 249 
THR N   CA   sing N N 250 
THR N   H    sing N N 251 
THR N   H2   sing N N 252 
THR CA  C    sing N N 253 
THR CA  CB   sing N N 254 
THR CA  HA   sing N N 255 
THR C   O    doub N N 256 
THR C   OXT  sing N N 257 
THR CB  OG1  sing N N 258 
THR CB  CG2  sing N N 259 
THR CB  HB   sing N N 260 
THR OG1 HG1  sing N N 261 
THR CG2 HG21 sing N N 262 
THR CG2 HG22 sing N N 263 
THR CG2 HG23 sing N N 264 
THR OXT HXT  sing N N 265 
TRP N   CA   sing N N 266 
TRP N   H    sing N N 267 
TRP N   H2   sing N N 268 
TRP CA  C    sing N N 269 
TRP CA  CB   sing N N 270 
TRP CA  HA   sing N N 271 
TRP C   O    doub N N 272 
TRP C   OXT  sing N N 273 
TRP CB  CG   sing N N 274 
TRP CB  HB2  sing N N 275 
TRP CB  HB3  sing N N 276 
TRP CG  CD1  doub Y N 277 
TRP CG  CD2  sing Y N 278 
TRP CD1 NE1  sing Y N 279 
TRP CD1 HD1  sing N N 280 
TRP CD2 CE2  doub Y N 281 
TRP CD2 CE3  sing Y N 282 
TRP NE1 CE2  sing Y N 283 
TRP NE1 HE1  sing N N 284 
TRP CE2 CZ2  sing Y N 285 
TRP CE3 CZ3  doub Y N 286 
TRP CE3 HE3  sing N N 287 
TRP CZ2 CH2  doub Y N 288 
TRP CZ2 HZ2  sing N N 289 
TRP CZ3 CH2  sing Y N 290 
TRP CZ3 HZ3  sing N N 291 
TRP CH2 HH2  sing N N 292 
TRP OXT HXT  sing N N 293 
TYR N   CA   sing N N 294 
TYR N   H    sing N N 295 
TYR N   H2   sing N N 296 
TYR CA  C    sing N N 297 
TYR CA  CB   sing N N 298 
TYR CA  HA   sing N N 299 
TYR C   O    doub N N 300 
TYR C   OXT  sing N N 301 
TYR CB  CG   sing N N 302 
TYR CB  HB2  sing N N 303 
TYR CB  HB3  sing N N 304 
TYR CG  CD1  doub Y N 305 
TYR CG  CD2  sing Y N 306 
TYR CD1 CE1  sing Y N 307 
TYR CD1 HD1  sing N N 308 
TYR CD2 CE2  doub Y N 309 
TYR CD2 HD2  sing N N 310 
TYR CE1 CZ   doub Y N 311 
TYR CE1 HE1  sing N N 312 
TYR CE2 CZ   sing Y N 313 
TYR CE2 HE2  sing N N 314 
TYR CZ  OH   sing N N 315 
TYR OH  HH   sing N N 316 
TYR OXT HXT  sing N N 317 
# 
_atom_sites.entry_id                    1J8E 
_atom_sites.fract_transf_matrix[1][1]   0.02923875 
_atom_sites.fract_transf_matrix[1][2]   0.01846994 
_atom_sites.fract_transf_matrix[1][3]   0.01085699 
_atom_sites.fract_transf_matrix[2][1]   0.01008156 
_atom_sites.fract_transf_matrix[2][2]   -0.02329267 
_atom_sites.fract_transf_matrix[2][3]   0.01247512 
_atom_sites.fract_transf_matrix[3][1]   0.01299190 
_atom_sites.fract_transf_matrix[3][2]   -0.00686288 
_atom_sites.fract_transf_matrix[3][3]   -0.02331308 
_atom_sites.fract_transf_vector[1]      0.029482 
_atom_sites.fract_transf_vector[2]      0.434921 
_atom_sites.fract_transf_vector[3]      0.185364 
# 
loop_
_atom_type.symbol 
C  
CA 
N  
O  
S  
# 
loop_
_atom_site.group_PDB 
_atom_site.id 
_atom_site.type_symbol 
_atom_site.label_atom_id 
_atom_site.label_alt_id 
_atom_site.label_comp_id 
_atom_site.label_asym_id 
_atom_site.label_entity_id 
_atom_site.label_seq_id 
_atom_site.pdbx_PDB_ins_code 
_atom_site.Cartn_x 
_atom_site.Cartn_y 
_atom_site.Cartn_z 
_atom_site.occupancy 
_atom_site.B_iso_or_equiv 
_atom_site.pdbx_formal_charge 
_atom_site.auth_seq_id 
_atom_site.auth_comp_id 
_atom_site.auth_asym_id 
_atom_site.auth_atom_id 
_atom_site.pdbx_PDB_model_num 
ATOM   1   N  N   . GLY A 1 1  ? -7.419  -9.141  -14.659 1.00 22.18 ? 1   GLY A N   1 
ATOM   2   C  CA  . GLY A 1 1  ? -8.442  -8.087  -14.897 1.00 23.27 ? 1   GLY A CA  1 
ATOM   3   C  C   . GLY A 1 1  ? -7.820  -6.773  -15.333 1.00 23.61 ? 1   GLY A C   1 
ATOM   4   O  O   . GLY A 1 1  ? -6.608  -6.589  -15.229 1.00 23.99 ? 1   GLY A O   1 
ATOM   5   N  N   . SER A 1 2  ? -8.652  -5.856  -15.815 1.00 23.66 ? 2   SER A N   1 
ATOM   6   C  CA  . SER A 1 2  ? -8.181  -4.552  -16.279 1.00 25.02 ? 2   SER A CA  1 
ATOM   7   C  C   . SER A 1 2  ? -7.856  -3.582  -15.140 1.00 25.50 ? 2   SER A C   1 
ATOM   8   O  O   . SER A 1 2  ? -7.251  -2.533  -15.368 1.00 24.39 ? 2   SER A O   1 
ATOM   9   C  CB  . SER A 1 2  ? -9.222  -3.918  -17.202 1.00 25.07 ? 2   SER A CB  1 
ATOM   10  O  OG  . SER A 1 2  ? -10.444 -3.710  -16.517 1.00 28.44 ? 2   SER A OG  1 
ATOM   11  N  N   . HIS A 1 3  ? -8.261  -3.921  -13.918 1.00 25.14 ? 3   HIS A N   1 
ATOM   12  C  CA  . HIS A 1 3  ? -7.968  -3.051  -12.779 1.00 27.80 ? 3   HIS A CA  1 
ATOM   13  C  C   . HIS A 1 3  ? -6.478  -3.078  -12.462 1.00 27.10 ? 3   HIS A C   1 
ATOM   14  O  O   . HIS A 1 3  ? -5.792  -4.059  -12.758 1.00 27.85 ? 3   HIS A O   1 
ATOM   15  C  CB  . HIS A 1 3  ? -8.776  -3.476  -11.552 1.00 30.49 ? 3   HIS A CB  1 
ATOM   16  C  CG  . HIS A 1 3  ? -10.197 -3.009  -11.583 1.00 35.11 ? 3   HIS A CG  1 
ATOM   17  N  ND1 . HIS A 1 3  ? -10.538 -1.673  -11.579 1.00 36.25 ? 3   HIS A ND1 1 
ATOM   18  C  CD2 . HIS A 1 3  ? -11.363 -3.696  -11.641 1.00 36.33 ? 3   HIS A CD2 1 
ATOM   19  C  CE1 . HIS A 1 3  ? -11.853 -1.557  -11.632 1.00 38.25 ? 3   HIS A CE1 1 
ATOM   20  N  NE2 . HIS A 1 3  ? -12.376 -2.768  -11.671 1.00 38.64 ? 3   HIS A NE2 1 
ATOM   21  N  N   . SER A 1 4  ? -5.984  -1.997  -11.863 1.00 25.21 ? 4   SER A N   1 
ATOM   22  C  CA  . SER A 1 4  ? -4.568  -1.879  -11.527 1.00 25.00 ? 4   SER A CA  1 
ATOM   23  C  C   . SER A 1 4  ? -4.078  -2.953  -10.564 1.00 24.05 ? 4   SER A C   1 
ATOM   24  O  O   . SER A 1 4  ? -3.091  -3.637  -10.836 1.00 24.55 ? 4   SER A O   1 
ATOM   25  C  CB  . SER A 1 4  ? -4.278  -0.505  -10.911 1.00 27.09 ? 4   SER A CB  1 
ATOM   26  O  OG  . SER A 1 4  ? -4.795  0.545   -11.707 1.00 30.09 ? 4   SER A OG  1 
ATOM   27  N  N   . CYS A 1 5  ? -4.769  -3.087  -9.433  1.00 22.80 ? 5   CYS A N   1 
ATOM   28  C  CA  . CYS A 1 5  ? -4.391  -4.054  -8.406  1.00 22.20 ? 5   CYS A CA  1 
ATOM   29  C  C   . CYS A 1 5  ? -5.538  -5.000  -8.047  1.00 22.06 ? 5   CYS A C   1 
ATOM   30  O  O   . CYS A 1 5  ? -6.700  -4.703  -8.323  1.00 22.74 ? 5   CYS A O   1 
ATOM   31  C  CB  . CYS A 1 5  ? -3.941  -3.313  -7.139  1.00 21.91 ? 5   CYS A CB  1 
ATOM   32  S  SG  . CYS A 1 5  ? -2.559  -2.134  -7.340  1.00 21.46 ? 5   CYS A SG  1 
ATOM   33  N  N   . SER A 1 6  ? -5.202  -6.134  -7.424  1.00 21.92 ? 6   SER A N   1 
ATOM   34  C  CA  . SER A 1 6  ? -6.206  -7.120  -7.022  1.00 22.02 ? 6   SER A CA  1 
ATOM   35  C  C   . SER A 1 6  ? -7.031  -6.581  -5.855  1.00 22.12 ? 6   SER A C   1 
ATOM   36  O  O   . SER A 1 6  ? -6.676  -5.576  -5.245  1.00 20.41 ? 6   SER A O   1 
ATOM   37  C  CB  . SER A 1 6  ? -5.543  -8.436  -6.604  1.00 22.95 ? 6   SER A CB  1 
ATOM   38  O  OG  . SER A 1 6  ? -4.958  -8.329  -5.315  1.00 24.18 ? 6   SER A OG  1 
ATOM   39  N  N   . SER A 1 7  ? -8.125  -7.267  -5.541  1.00 22.92 ? 7   SER A N   1 
ATOM   40  C  CA  . SER A 1 7  ? -9.016  -6.859  -4.459  1.00 23.83 ? 7   SER A CA  1 
ATOM   41  C  C   . SER A 1 7  ? -8.380  -6.908  -3.068  1.00 23.14 ? 7   SER A C   1 
ATOM   42  O  O   . SER A 1 7  ? -8.885  -6.296  -2.127  1.00 25.44 ? 7   SER A O   1 
ATOM   43  C  CB  . SER A 1 7  ? -10.266 -7.742  -4.467  1.00 23.73 ? 7   SER A CB  1 
ATOM   44  O  OG  . SER A 1 7  ? -9.920  -9.103  -4.290  1.00 24.18 ? 7   SER A OG  1 
ATOM   45  N  N   . THR A 1 8  ? -7.276  -7.633  -2.935  1.00 23.24 ? 8   THR A N   1 
ATOM   46  C  CA  . THR A 1 8  ? -6.618  -7.751  -1.638  1.00 22.78 ? 8   THR A CA  1 
ATOM   47  C  C   . THR A 1 8  ? -5.299  -6.992  -1.577  1.00 21.66 ? 8   THR A C   1 
ATOM   48  O  O   . THR A 1 8  ? -4.468  -7.252  -0.707  1.00 21.46 ? 8   THR A O   1 
ATOM   49  C  CB  . THR A 1 8  ? -6.347  -9.229  -1.296  1.00 23.91 ? 8   THR A CB  1 
ATOM   50  O  OG1 . THR A 1 8  ? -5.409  -9.769  -2.233  1.00 26.56 ? 8   THR A OG1 1 
ATOM   51  C  CG2 . THR A 1 8  ? -7.638  -10.035 -1.365  1.00 25.72 ? 8   THR A CG2 1 
ATOM   52  N  N   . GLN A 1 9  ? -5.113  -6.046  -2.491  1.00 20.18 ? 9   GLN A N   1 
ATOM   53  C  CA  . GLN A 1 9  ? -3.880  -5.271  -2.533  1.00 19.77 ? 9   GLN A CA  1 
ATOM   54  C  C   . GLN A 1 9  ? -4.058  -3.770  -2.324  1.00 19.61 ? 9   GLN A C   1 
ATOM   55  O  O   . GLN A 1 9  ? -5.101  -3.197  -2.633  1.00 19.17 ? 9   GLN A O   1 
ATOM   56  C  CB  . GLN A 1 9  ? -3.166  -5.491  -3.869  1.00 19.15 ? 9   GLN A CB  1 
ATOM   57  C  CG  . GLN A 1 9  ? -2.668  -6.903  -4.091  1.00 20.19 ? 9   GLN A CG  1 
ATOM   58  C  CD  . GLN A 1 9  ? -1.995  -7.065  -5.437  1.00 21.47 ? 9   GLN A CD  1 
ATOM   59  O  OE1 . GLN A 1 9  ? -2.521  -6.633  -6.460  1.00 20.90 ? 9   GLN A OE1 1 
ATOM   60  N  NE2 . GLN A 1 9  ? -0.828  -7.696  -5.444  1.00 23.89 ? 9   GLN A NE2 1 
ATOM   61  N  N   . PHE A 1 10 ? -3.008  -3.152  -1.792  1.00 17.77 ? 10  PHE A N   1 
ATOM   62  C  CA  . PHE A 1 10 ? -2.957  -1.717  -1.556  1.00 15.95 ? 10  PHE A CA  1 
ATOM   63  C  C   . PHE A 1 10 ? -2.251  -1.151  -2.778  1.00 15.32 ? 10  PHE A C   1 
ATOM   64  O  O   . PHE A 1 10 ? -1.272  -1.727  -3.250  1.00 13.62 ? 10  PHE A O   1 
ATOM   65  C  CB  . PHE A 1 10 ? -2.122  -1.417  -0.311  1.00 16.12 ? 10  PHE A CB  1 
ATOM   66  C  CG  . PHE A 1 10 ? -1.820  0.047   -0.107  1.00 17.07 ? 10  PHE A CG  1 
ATOM   67  C  CD1 . PHE A 1 10 ? -2.737  0.881   0.530   1.00 17.55 ? 10  PHE A CD1 1 
ATOM   68  C  CD2 . PHE A 1 10 ? -0.597  0.583   -0.517  1.00 16.94 ? 10  PHE A CD2 1 
ATOM   69  C  CE1 . PHE A 1 10 ? -2.438  2.226   0.764   1.00 17.03 ? 10  PHE A CE1 1 
ATOM   70  C  CE2 . PHE A 1 10 ? -0.288  1.926   -0.288  1.00 16.38 ? 10  PHE A CE2 1 
ATOM   71  C  CZ  . PHE A 1 10 ? -1.210  2.748   0.353   1.00 18.55 ? 10  PHE A CZ  1 
ATOM   72  N  N   . LYS A 1 11 ? -2.753  -0.030  -3.282  1.00 15.12 ? 11  LYS A N   1 
ATOM   73  C  CA  . LYS A 1 11 ? -2.186  0.623   -4.452  1.00 15.26 ? 11  LYS A CA  1 
ATOM   74  C  C   . LYS A 1 11 ? -1.239  1.742   -4.024  1.00 14.37 ? 11  LYS A C   1 
ATOM   75  O  O   . LYS A 1 11 ? -1.673  2.765   -3.486  1.00 13.89 ? 11  LYS A O   1 
ATOM   76  C  CB  . LYS A 1 11 ? -3.323  1.189   -5.307  1.00 17.65 ? 11  LYS A CB  1 
ATOM   77  C  CG  . LYS A 1 11 ? -2.919  1.769   -6.645  1.00 20.25 ? 11  LYS A CG  1 
ATOM   78  C  CD  . LYS A 1 11 ? -4.160  2.310   -7.345  1.00 17.94 ? 11  LYS A CD  1 
ATOM   79  C  CE  . LYS A 1 11 ? -3.848  2.837   -8.720  1.00 21.99 ? 11  LYS A CE  1 
ATOM   80  N  NZ  . LYS A 1 11 ? -5.097  3.166   -9.466  1.00 15.99 ? 11  LYS A NZ  1 
ATOM   81  N  N   . CYS A 1 12 ? 0.054   1.532   -4.257  1.00 13.47 ? 12  CYS A N   1 
ATOM   82  C  CA  . CYS A 1 12 ? 1.081   2.509   -3.916  1.00 14.77 ? 12  CYS A CA  1 
ATOM   83  C  C   . CYS A 1 12 ? 0.914   3.747   -4.789  1.00 14.92 ? 12  CYS A C   1 
ATOM   84  O  O   . CYS A 1 12 ? 0.343   3.666   -5.873  1.00 14.30 ? 12  CYS A O   1 
ATOM   85  C  CB  . CYS A 1 12 ? 2.470   1.926   -4.171  1.00 16.17 ? 12  CYS A CB  1 
ATOM   86  S  SG  . CYS A 1 12 ? 2.886   0.401   -3.264  1.00 16.44 ? 12  CYS A SG  1 
ATOM   87  N  N   . ASN A 1 13 ? 1.433   4.883   -4.329  1.00 15.91 ? 13  ASN A N   1 
ATOM   88  C  CA  . ASN A 1 13 ? 1.339   6.116   -5.104  1.00 17.35 ? 13  ASN A CA  1 
ATOM   89  C  C   . ASN A 1 13 ? 2.071   5.977   -6.442  1.00 17.20 ? 13  ASN A C   1 
ATOM   90  O  O   . ASN A 1 13 ? 1.748   6.669   -7.401  1.00 16.32 ? 13  ASN A O   1 
ATOM   91  C  CB  . ASN A 1 13 ? 1.924   7.300   -4.324  1.00 17.86 ? 13  ASN A CB  1 
ATOM   92  C  CG  . ASN A 1 13 ? 1.038   7.742   -3.170  1.00 19.37 ? 13  ASN A CG  1 
ATOM   93  O  OD1 . ASN A 1 13 ? -0.083  7.259   -3.003  1.00 16.54 ? 13  ASN A OD1 1 
ATOM   94  N  ND2 . ASN A 1 13 ? 1.536   8.678   -2.374  1.00 19.76 ? 13  ASN A ND2 1 
ATOM   95  N  N   . SER A 1 14 ? 3.050   5.078   -6.494  1.00 16.18 ? 14  SER A N   1 
ATOM   96  C  CA  . SER A 1 14 ? 3.826   4.848   -7.714  1.00 17.81 ? 14  SER A CA  1 
ATOM   97  C  C   . SER A 1 14 ? 3.077   3.945   -8.695  1.00 18.28 ? 14  SER A C   1 
ATOM   98  O  O   . SER A 1 14 ? 3.476   3.808   -9.854  1.00 20.22 ? 14  SER A O   1 
ATOM   99  C  CB  . SER A 1 14 ? 5.161   4.187   -7.371  1.00 18.83 ? 14  SER A CB  1 
ATOM   100 O  OG  . SER A 1 14 ? 4.953   2.888   -6.835  1.00 18.30 ? 14  SER A OG  1 
ATOM   101 N  N   . GLY A 1 15 ? 1.997   3.330   -8.224  1.00 16.58 ? 15  GLY A N   1 
ATOM   102 C  CA  . GLY A 1 15 ? 1.224   2.434   -9.064  1.00 17.15 ? 15  GLY A CA  1 
ATOM   103 C  C   . GLY A 1 15 ? 1.523   0.980   -8.729  1.00 18.17 ? 15  GLY A C   1 
ATOM   104 O  O   . GLY A 1 15 ? 0.823   0.066   -9.175  1.00 19.34 ? 15  GLY A O   1 
ATOM   105 N  N   . ARG A 1 16 ? 2.577   0.763   -7.948  1.00 16.15 ? 16  ARG A N   1 
ATOM   106 C  CA  . ARG A 1 16 ? 2.955   -0.586  -7.540  1.00 18.26 ? 16  ARG A CA  1 
ATOM   107 C  C   . ARG A 1 16 ? 1.876   -1.136  -6.615  1.00 17.29 ? 16  ARG A C   1 
ATOM   108 O  O   . ARG A 1 16 ? 1.239   -0.381  -5.880  1.00 18.94 ? 16  ARG A O   1 
ATOM   109 C  CB  . ARG A 1 16 ? 4.303   -0.566  -6.805  1.00 18.28 ? 16  ARG A CB  1 
ATOM   110 C  CG  . ARG A 1 16 ? 4.693   -1.903  -6.162  1.00 19.60 ? 16  ARG A CG  1 
ATOM   111 C  CD  . ARG A 1 16 ? 6.049   -1.819  -5.465  1.00 20.48 ? 16  ARG A CD  1 
ATOM   112 N  NE  . ARG A 1 16 ? 7.142   -1.673  -6.423  1.00 22.28 ? 16  ARG A NE  1 
ATOM   113 C  CZ  . ARG A 1 16 ? 7.995   -2.643  -6.746  1.00 22.77 ? 16  ARG A CZ  1 
ATOM   114 N  NH1 . ARG A 1 16 ? 7.895   -3.842  -6.184  1.00 20.95 ? 16  ARG A NH1 1 
ATOM   115 N  NH2 . ARG A 1 16 ? 8.943   -2.418  -7.646  1.00 22.33 ? 16  ARG A NH2 1 
ATOM   116 N  N   . CYS A 1 17 ? 1.670   -2.450  -6.652  1.00 16.44 ? 17  CYS A N   1 
ATOM   117 C  CA  . CYS A 1 17 ? 0.664   -3.079  -5.806  1.00 17.55 ? 17  CYS A CA  1 
ATOM   118 C  C   . CYS A 1 17 ? 1.332   -3.930  -4.735  1.00 16.78 ? 17  CYS A C   1 
ATOM   119 O  O   . CYS A 1 17 ? 2.346   -4.587  -4.992  1.00 16.41 ? 17  CYS A O   1 
ATOM   120 C  CB  . CYS A 1 17 ? -0.255  -3.986  -6.628  1.00 18.74 ? 17  CYS A CB  1 
ATOM   121 S  SG  . CYS A 1 17 ? -1.050  -3.262  -8.096  1.00 22.96 ? 17  CYS A SG  1 
ATOM   122 N  N   . ILE A 1 18 ? 0.764   -3.922  -3.535  1.00 15.84 ? 18  ILE A N   1 
ATOM   123 C  CA  . ILE A 1 18 ? 1.303   -4.724  -2.444  1.00 15.59 ? 18  ILE A CA  1 
ATOM   124 C  C   . ILE A 1 18 ? 0.145   -5.265  -1.620  1.00 14.94 ? 18  ILE A C   1 
ATOM   125 O  O   . ILE A 1 18 ? -0.954  -4.703  -1.632  1.00 15.19 ? 18  ILE A O   1 
ATOM   126 C  CB  . ILE A 1 18 ? 2.218   -3.904  -1.486  1.00 15.19 ? 18  ILE A CB  1 
ATOM   127 C  CG1 . ILE A 1 18 ? 1.397   -2.824  -0.781  1.00 15.52 ? 18  ILE A CG1 1 
ATOM   128 C  CG2 . ILE A 1 18 ? 3.393   -3.303  -2.255  1.00 15.11 ? 18  ILE A CG2 1 
ATOM   129 C  CD1 . ILE A 1 18 ? 2.126   -2.140  0.351   1.00 13.09 ? 18  ILE A CD1 1 
ATOM   130 N  N   . PRO A 1 19 ? 0.374   -6.375  -0.901  1.00 14.48 ? 19  PRO A N   1 
ATOM   131 C  CA  . PRO A 1 19 ? -0.664  -6.979  -0.065  1.00 15.23 ? 19  PRO A CA  1 
ATOM   132 C  C   . PRO A 1 19 ? -1.202  -5.889  0.856   1.00 15.64 ? 19  PRO A C   1 
ATOM   133 O  O   . PRO A 1 19 ? -0.425  -5.117  1.413   1.00 14.41 ? 19  PRO A O   1 
ATOM   134 C  CB  . PRO A 1 19 ? 0.100   -8.058  0.696   1.00 14.68 ? 19  PRO A CB  1 
ATOM   135 C  CG  . PRO A 1 19 ? 1.131   -8.500  -0.315  1.00 14.86 ? 19  PRO A CG  1 
ATOM   136 C  CD  . PRO A 1 19 ? 1.606   -7.186  -0.898  1.00 15.24 ? 19  PRO A CD  1 
ATOM   137 N  N   . GLU A 1 20 ? -2.520  -5.813  1.012   1.00 16.76 ? 20  GLU A N   1 
ATOM   138 C  CA  . GLU A 1 20 ? -3.115  -4.777  1.862   1.00 18.70 ? 20  GLU A CA  1 
ATOM   139 C  C   . GLU A 1 20 ? -2.644  -4.779  3.319   1.00 17.93 ? 20  GLU A C   1 
ATOM   140 O  O   . GLU A 1 20 ? -2.506  -3.716  3.933   1.00 18.15 ? 20  GLU A O   1 
ATOM   141 C  CB  . GLU A 1 20 ? -4.645  -4.875  1.819   1.00 20.68 ? 20  GLU A CB  1 
ATOM   142 C  CG  . GLU A 1 20 ? -5.198  -6.230  2.208   1.00 26.56 ? 20  GLU A CG  1 
ATOM   143 C  CD  . GLU A 1 20 ? -6.683  -6.356  1.918   1.00 31.93 ? 20  GLU A CD  1 
ATOM   144 O  OE1 . GLU A 1 20 ? -7.264  -7.417  2.231   1.00 34.88 ? 20  GLU A OE1 1 
ATOM   145 O  OE2 . GLU A 1 20 ? -7.267  -5.394  1.375   1.00 33.99 ? 20  GLU A OE2 1 
ATOM   146 N  N   . HIS A 1 21 ? -2.393  -5.955  3.883   1.00 15.77 ? 21  HIS A N   1 
ATOM   147 C  CA  . HIS A 1 21 ? -1.949  -6.019  5.274   1.00 16.21 ? 21  HIS A CA  1 
ATOM   148 C  C   . HIS A 1 21 ? -0.552  -5.457  5.487   1.00 15.88 ? 21  HIS A C   1 
ATOM   149 O  O   . HIS A 1 21 ? -0.079  -5.379  6.621   1.00 16.78 ? 21  HIS A O   1 
ATOM   150 C  CB  . HIS A 1 21 ? -2.002  -7.458  5.784   1.00 16.34 ? 21  HIS A CB  1 
ATOM   151 C  CG  . HIS A 1 21 ? -3.389  -7.934  6.084   1.00 19.81 ? 21  HIS A CG  1 
ATOM   152 N  ND1 . HIS A 1 21 ? -4.045  -7.619  7.254   1.00 22.08 ? 21  HIS A ND1 1 
ATOM   153 C  CD2 . HIS A 1 21 ? -4.260  -8.661  5.347   1.00 21.00 ? 21  HIS A CD2 1 
ATOM   154 C  CE1 . HIS A 1 21 ? -5.263  -8.132  7.225   1.00 22.68 ? 21  HIS A CE1 1 
ATOM   155 N  NE2 . HIS A 1 21 ? -5.419  -8.769  6.079   1.00 22.35 ? 21  HIS A NE2 1 
ATOM   156 N  N   . TRP A 1 22 ? 0.104   -5.058  4.401   1.00 13.30 ? 22  TRP A N   1 
ATOM   157 C  CA  . TRP A 1 22 ? 1.454   -4.498  4.493   1.00 13.79 ? 22  TRP A CA  1 
ATOM   158 C  C   . TRP A 1 22 ? 1.472   -2.988  4.762   1.00 14.90 ? 22  TRP A C   1 
ATOM   159 O  O   . TRP A 1 22 ? 2.539   -2.368  4.786   1.00 13.48 ? 22  TRP A O   1 
ATOM   160 C  CB  . TRP A 1 22 ? 2.246   -4.808  3.216   1.00 12.94 ? 22  TRP A CB  1 
ATOM   161 C  CG  . TRP A 1 22 ? 2.702   -6.237  3.106   1.00 12.22 ? 22  TRP A CG  1 
ATOM   162 C  CD1 . TRP A 1 22 ? 2.316   -7.290  3.890   1.00 12.64 ? 22  TRP A CD1 1 
ATOM   163 C  CD2 . TRP A 1 22 ? 3.592   -6.779  2.118   1.00 13.30 ? 22  TRP A CD2 1 
ATOM   164 N  NE1 . TRP A 1 22 ? 2.906   -8.451  3.447   1.00 12.29 ? 22  TRP A NE1 1 
ATOM   165 C  CE2 . TRP A 1 22 ? 3.692   -8.167  2.362   1.00 12.50 ? 22  TRP A CE2 1 
ATOM   166 C  CE3 . TRP A 1 22 ? 4.313   -6.225  1.047   1.00 11.58 ? 22  TRP A CE3 1 
ATOM   167 C  CZ2 . TRP A 1 22 ? 4.486   -9.011  1.575   1.00 13.00 ? 22  TRP A CZ2 1 
ATOM   168 C  CZ3 . TRP A 1 22 ? 5.101   -7.064  0.263   1.00 13.12 ? 22  TRP A CZ3 1 
ATOM   169 C  CH2 . TRP A 1 22 ? 5.181   -8.445  0.533   1.00 12.03 ? 22  TRP A CH2 1 
ATOM   170 N  N   . THR A 1 23 ? 0.297   -2.397  4.960   1.00 16.86 ? 23  THR A N   1 
ATOM   171 C  CA  . THR A 1 23 ? 0.207   -0.968  5.249   1.00 17.55 ? 23  THR A CA  1 
ATOM   172 C  C   . THR A 1 23 ? 0.608   -0.700  6.701   1.00 17.99 ? 23  THR A C   1 
ATOM   173 O  O   . THR A 1 23 ? 0.337   -1.513  7.591   1.00 18.56 ? 23  THR A O   1 
ATOM   174 C  CB  . THR A 1 23 ? -1.224  -0.429  5.022   1.00 19.74 ? 23  THR A CB  1 
ATOM   175 O  OG1 . THR A 1 23 ? -2.158  -1.195  5.796   1.00 20.77 ? 23  THR A OG1 1 
ATOM   176 C  CG2 . THR A 1 23 ? -1.591  -0.504  3.549   1.00 18.60 ? 23  THR A CG2 1 
ATOM   177 N  N   . CYS A 1 24 ? 1.255   0.445   6.919   1.00 17.24 ? 24  CYS A N   1 
ATOM   178 C  CA  . CYS A 1 24 ? 1.732   0.863   8.236   1.00 17.27 ? 24  CYS A CA  1 
ATOM   179 C  C   . CYS A 1 24 ? 2.221   -0.323  9.060   1.00 17.75 ? 24  CYS A C   1 
ATOM   180 O  O   . CYS A 1 24 ? 1.675   -0.612  10.131  1.00 16.42 ? 24  CYS A O   1 
ATOM   181 C  CB  . CYS A 1 24 ? 0.629   1.604   9.010   1.00 19.37 ? 24  CYS A CB  1 
ATOM   182 S  SG  . CYS A 1 24 ? 1.214   2.395   10.557  1.00 20.37 ? 24  CYS A SG  1 
ATOM   183 N  N   . ASP A 1 25 ? 3.262   -1.000  8.571   1.00 16.89 ? 25  ASP A N   1 
ATOM   184 C  CA  . ASP A 1 25 ? 3.791   -2.158  9.281   1.00 16.66 ? 25  ASP A CA  1 
ATOM   185 C  C   . ASP A 1 25 ? 5.289   -2.103  9.590   1.00 16.25 ? 25  ASP A C   1 
ATOM   186 O  O   . ASP A 1 25 ? 5.865   -3.086  10.051  1.00 18.17 ? 25  ASP A O   1 
ATOM   187 C  CB  . ASP A 1 25 ? 3.449   -3.446  8.515   1.00 15.68 ? 25  ASP A CB  1 
ATOM   188 C  CG  . ASP A 1 25 ? 4.285   -3.636  7.253   1.00 14.96 ? 25  ASP A CG  1 
ATOM   189 O  OD1 . ASP A 1 25 ? 5.027   -2.712  6.855   1.00 12.95 ? 25  ASP A OD1 1 
ATOM   190 O  OD2 . ASP A 1 25 ? 4.189   -4.729  6.659   1.00 12.32 ? 25  ASP A OD2 1 
ATOM   191 N  N   . GLY A 1 26 ? 5.911   -0.953  9.345   1.00 16.98 ? 26  GLY A N   1 
ATOM   192 C  CA  . GLY A 1 26 ? 7.330   -0.810  9.630   1.00 16.56 ? 26  GLY A CA  1 
ATOM   193 C  C   . GLY A 1 26 ? 8.256   -0.982  8.441   1.00 17.45 ? 26  GLY A C   1 
ATOM   194 O  O   . GLY A 1 26 ? 9.443   -0.651  8.519   1.00 17.92 ? 26  GLY A O   1 
ATOM   195 N  N   . ASP A 1 27 ? 7.730   -1.511  7.344   1.00 14.90 ? 27  ASP A N   1 
ATOM   196 C  CA  . ASP A 1 27 ? 8.531   -1.707  6.139   1.00 15.85 ? 27  ASP A CA  1 
ATOM   197 C  C   . ASP A 1 27 ? 8.026   -0.820  5.016   1.00 15.01 ? 27  ASP A C   1 
ATOM   198 O  O   . ASP A 1 27 ? 6.820   -0.655  4.844   1.00 13.74 ? 27  ASP A O   1 
ATOM   199 C  CB  . ASP A 1 27 ? 8.467   -3.158  5.657   1.00 17.54 ? 27  ASP A CB  1 
ATOM   200 C  CG  . ASP A 1 27 ? 9.103   -4.133  6.626   1.00 22.65 ? 27  ASP A CG  1 
ATOM   201 O  OD1 . ASP A 1 27 ? 10.061  -3.745  7.330   1.00 23.62 ? 27  ASP A OD1 1 
ATOM   202 O  OD2 . ASP A 1 27 ? 8.652   -5.297  6.664   1.00 25.28 ? 27  ASP A OD2 1 
ATOM   203 N  N   . ASN A 1 28 ? 8.960   -0.256  4.256   1.00 13.79 ? 28  ASN A N   1 
ATOM   204 C  CA  . ASN A 1 28 ? 8.631   0.591   3.112   1.00 14.17 ? 28  ASN A CA  1 
ATOM   205 C  C   . ASN A 1 28 ? 8.466   -0.384  1.941   1.00 14.30 ? 28  ASN A C   1 
ATOM   206 O  O   . ASN A 1 28 ? 9.354   -0.519  1.099   1.00 16.43 ? 28  ASN A O   1 
ATOM   207 C  CB  . ASN A 1 28 ? 9.791   1.557   2.848   1.00 12.83 ? 28  ASN A CB  1 
ATOM   208 C  CG  . ASN A 1 28 ? 9.511   2.520   1.708   1.00 15.22 ? 28  ASN A CG  1 
ATOM   209 O  OD1 . ASN A 1 28 ? 8.523   2.383   0.981   1.00 14.39 ? 28  ASN A OD1 1 
ATOM   210 N  ND2 . ASN A 1 28 ? 10.397  3.498   1.539   1.00 15.32 ? 28  ASN A ND2 1 
ATOM   211 N  N   . ASP A 1 29 ? 7.332   -1.077  1.908   1.00 13.73 ? 29  ASP A N   1 
ATOM   212 C  CA  . ASP A 1 29 ? 7.074   -2.071  0.868   1.00 14.43 ? 29  ASP A CA  1 
ATOM   213 C  C   . ASP A 1 29 ? 6.840   -1.467  -0.508  1.00 14.90 ? 29  ASP A C   1 
ATOM   214 O  O   . ASP A 1 29 ? 7.111   -2.104  -1.525  1.00 15.26 ? 29  ASP A O   1 
ATOM   215 C  CB  . ASP A 1 29 ? 5.876   -2.944  1.255   1.00 13.27 ? 29  ASP A CB  1 
ATOM   216 C  CG  . ASP A 1 29 ? 6.059   -3.625  2.604   1.00 15.02 ? 29  ASP A CG  1 
ATOM   217 O  OD1 . ASP A 1 29 ? 5.332   -3.280  3.559   1.00 13.26 ? 29  ASP A OD1 1 
ATOM   218 O  OD2 . ASP A 1 29 ? 6.937   -4.504  2.716   1.00 14.45 ? 29  ASP A OD2 1 
ATOM   219 N  N   . CYS A 1 30 ? 6.336   -0.239  -0.538  1.00 14.48 ? 30  CYS A N   1 
ATOM   220 C  CA  . CYS A 1 30 ? 6.070   0.441   -1.798  1.00 15.67 ? 30  CYS A CA  1 
ATOM   221 C  C   . CYS A 1 30 ? 7.337   1.019   -2.423  1.00 15.11 ? 30  CYS A C   1 
ATOM   222 O  O   . CYS A 1 30 ? 7.427   1.173   -3.645  1.00 17.04 ? 30  CYS A O   1 
ATOM   223 C  CB  . CYS A 1 30 ? 5.077   1.581   -1.583  1.00 13.48 ? 30  CYS A CB  1 
ATOM   224 S  SG  . CYS A 1 30 ? 3.334   1.095   -1.408  1.00 15.90 ? 30  CYS A SG  1 
ATOM   225 N  N   . GLY A 1 31 ? 8.311   1.343   -1.583  1.00 14.95 ? 31  GLY A N   1 
ATOM   226 C  CA  . GLY A 1 31 ? 9.537   1.931   -2.086  1.00 14.85 ? 31  GLY A CA  1 
ATOM   227 C  C   . GLY A 1 31 ? 9.440   3.448   -2.052  1.00 16.30 ? 31  GLY A C   1 
ATOM   228 O  O   . GLY A 1 31 ? 10.458  4.141   -2.019  1.00 18.89 ? 31  GLY A O   1 
ATOM   229 N  N   . ASP A 1 32 ? 8.213   3.969   -2.069  1.00 15.38 ? 32  ASP A N   1 
ATOM   230 C  CA  . ASP A 1 32 ? 8.003   5.418   -2.028  1.00 15.67 ? 32  ASP A CA  1 
ATOM   231 C  C   . ASP A 1 32 ? 7.362   5.837   -0.705  1.00 15.37 ? 32  ASP A C   1 
ATOM   232 O  O   . ASP A 1 32 ? 6.879   6.962   -0.564  1.00 14.16 ? 32  ASP A O   1 
ATOM   233 C  CB  . ASP A 1 32 ? 7.128   5.872   -3.204  1.00 16.34 ? 32  ASP A CB  1 
ATOM   234 C  CG  . ASP A 1 32 ? 5.711   5.349   -3.121  1.00 16.99 ? 32  ASP A CG  1 
ATOM   235 O  OD1 . ASP A 1 32 ? 4.919   5.652   -4.030  1.00 18.05 ? 32  ASP A OD1 1 
ATOM   236 O  OD2 . ASP A 1 32 ? 5.378   4.638   -2.155  1.00 16.72 ? 32  ASP A OD2 1 
ATOM   237 N  N   . TYR A 1 33 ? 7.344   4.904   0.246   1.00 15.73 ? 33  TYR A N   1 
ATOM   238 C  CA  . TYR A 1 33 ? 6.804   5.123   1.588   1.00 16.72 ? 33  TYR A CA  1 
ATOM   239 C  C   . TYR A 1 33 ? 5.298   5.365   1.669   1.00 15.96 ? 33  TYR A C   1 
ATOM   240 O  O   . TYR A 1 33 ? 4.768   5.576   2.760   1.00 16.00 ? 33  TYR A O   1 
ATOM   241 C  CB  . TYR A 1 33 ? 7.530   6.303   2.244   1.00 18.19 ? 33  TYR A CB  1 
ATOM   242 C  CG  . TYR A 1 33 ? 7.531   6.278   3.755   1.00 20.92 ? 33  TYR A CG  1 
ATOM   243 C  CD1 . TYR A 1 33 ? 8.348   5.389   4.455   1.00 22.62 ? 33  TYR A CD1 1 
ATOM   244 C  CD2 . TYR A 1 33 ? 6.720   7.144   4.489   1.00 22.26 ? 33  TYR A CD2 1 
ATOM   245 C  CE1 . TYR A 1 33 ? 8.358   5.362   5.852   1.00 23.42 ? 33  TYR A CE1 1 
ATOM   246 C  CE2 . TYR A 1 33 ? 6.722   7.125   5.888   1.00 23.60 ? 33  TYR A CE2 1 
ATOM   247 C  CZ  . TYR A 1 33 ? 7.543   6.232   6.560   1.00 24.76 ? 33  TYR A CZ  1 
ATOM   248 O  OH  . TYR A 1 33 ? 7.547   6.204   7.942   1.00 27.71 ? 33  TYR A OH  1 
ATOM   249 N  N   . SER A 1 34 ? 4.595   5.319   0.540   1.00 15.27 ? 34  SER A N   1 
ATOM   250 C  CA  . SER A 1 34 ? 3.159   5.576   0.577   1.00 14.80 ? 34  SER A CA  1 
ATOM   251 C  C   . SER A 1 34 ? 2.366   4.597   1.441   1.00 15.09 ? 34  SER A C   1 
ATOM   252 O  O   . SER A 1 34 ? 1.295   4.942   1.934   1.00 15.41 ? 34  SER A O   1 
ATOM   253 C  CB  . SER A 1 34 ? 2.574   5.641   -0.845  1.00 17.39 ? 34  SER A CB  1 
ATOM   254 O  OG  . SER A 1 34 ? 2.843   4.474   -1.596  1.00 17.58 ? 34  SER A OG  1 
ATOM   255 N  N   . ASP A 1 35 ? 2.872   3.383   1.643   1.00 14.17 ? 35  ASP A N   1 
ATOM   256 C  CA  . ASP A 1 35 ? 2.144   2.431   2.486   1.00 14.46 ? 35  ASP A CA  1 
ATOM   257 C  C   . ASP A 1 35 ? 2.378   2.687   3.976   1.00 13.94 ? 35  ASP A C   1 
ATOM   258 O  O   . ASP A 1 35 ? 1.636   2.193   4.833   1.00 13.76 ? 35  ASP A O   1 
ATOM   259 C  CB  . ASP A 1 35 ? 2.537   0.980   2.145   1.00 12.81 ? 35  ASP A CB  1 
ATOM   260 C  CG  . ASP A 1 35 ? 4.048   0.740   2.164   1.00 16.57 ? 35  ASP A CG  1 
ATOM   261 O  OD1 . ASP A 1 35 ? 4.504   -0.176  2.892   1.00 12.57 ? 35  ASP A OD1 1 
ATOM   262 O  OD2 . ASP A 1 35 ? 4.779   1.448   1.438   1.00 12.92 ? 35  ASP A OD2 1 
ATOM   263 N  N   . GLU A 1 36 ? 3.394   3.491   4.275   1.00 13.38 ? 36  GLU A N   1 
ATOM   264 C  CA  . GLU A 1 36 ? 3.778   3.786   5.652   1.00 14.08 ? 36  GLU A CA  1 
ATOM   265 C  C   . GLU A 1 36 ? 3.465   5.197   6.155   1.00 15.87 ? 36  GLU A C   1 
ATOM   266 O  O   . GLU A 1 36 ? 3.879   5.562   7.257   1.00 17.42 ? 36  GLU A O   1 
ATOM   267 C  CB  . GLU A 1 36 ? 5.282   3.533   5.812   1.00 13.29 ? 36  GLU A CB  1 
ATOM   268 C  CG  . GLU A 1 36 ? 5.690   2.085   5.609   1.00 14.87 ? 36  GLU A CG  1 
ATOM   269 C  CD  . GLU A 1 36 ? 5.134   1.183   6.689   1.00 18.53 ? 36  GLU A CD  1 
ATOM   270 O  OE1 . GLU A 1 36 ? 4.377   0.241   6.360   1.00 16.93 ? 36  GLU A OE1 1 
ATOM   271 O  OE2 . GLU A 1 36 ? 5.456   1.426   7.873   1.00 18.36 ? 36  GLU A OE2 1 
ATOM   272 N  N   . THR A 1 37 ? 2.747   5.985   5.360   1.00 15.56 ? 37  THR A N   1 
ATOM   273 C  CA  . THR A 1 37 ? 2.413   7.351   5.742   1.00 17.57 ? 37  THR A CA  1 
ATOM   274 C  C   . THR A 1 37 ? 1.546   7.421   6.988   1.00 19.41 ? 37  THR A C   1 
ATOM   275 O  O   . THR A 1 37 ? 0.841   6.470   7.333   1.00 18.19 ? 37  THR A O   1 
ATOM   276 C  CB  . THR A 1 37 ? 1.647   8.086   4.637   1.00 17.23 ? 37  THR A CB  1 
ATOM   277 O  OG1 . THR A 1 37 ? 0.418   7.392   4.376   1.00 18.37 ? 37  THR A OG1 1 
ATOM   278 C  CG2 . THR A 1 37 ? 2.483   8.181   3.366   1.00 16.95 ? 37  THR A CG2 1 
ATOM   279 N  N   . HIS A 1 38 ? 1.597   8.572   7.651   1.00 20.01 ? 38  HIS A N   1 
ATOM   280 C  CA  . HIS A 1 38 ? 0.809   8.798   8.855   1.00 21.95 ? 38  HIS A CA  1 
ATOM   281 C  C   . HIS A 1 38 ? -0.670  8.561   8.542   1.00 21.35 ? 38  HIS A C   1 
ATOM   282 O  O   . HIS A 1 38 ? -1.390  7.930   9.323   1.00 19.73 ? 38  HIS A O   1 
ATOM   283 C  CB  . HIS A 1 38 ? 1.032   10.232  9.354   1.00 22.80 ? 38  HIS A CB  1 
ATOM   284 C  CG  . HIS A 1 38 ? 0.051   10.672  10.397  1.00 25.34 ? 38  HIS A CG  1 
ATOM   285 N  ND1 . HIS A 1 38 ? -0.106  10.012  11.596  1.00 25.87 ? 38  HIS A ND1 1 
ATOM   286 C  CD2 . HIS A 1 38 ? -0.821  11.707  10.420  1.00 26.79 ? 38  HIS A CD2 1 
ATOM   287 C  CE1 . HIS A 1 38 ? -1.030  10.624  12.313  1.00 27.87 ? 38  HIS A CE1 1 
ATOM   288 N  NE2 . HIS A 1 38 ? -1.480  11.655  11.623  1.00 29.64 ? 38  HIS A NE2 1 
ATOM   289 N  N   . ALA A 1 39 ? -1.106  9.055   7.384   1.00 21.28 ? 39  ALA A N   1 
ATOM   290 C  CA  . ALA A 1 39 ? -2.489  8.914   6.934   1.00 21.73 ? 39  ALA A CA  1 
ATOM   291 C  C   . ALA A 1 39 ? -2.968  7.463   6.915   1.00 22.34 ? 39  ALA A C   1 
ATOM   292 O  O   . ALA A 1 39 ? -4.063  7.158   7.392   1.00 23.10 ? 39  ALA A O   1 
ATOM   293 C  CB  . ALA A 1 39 ? -2.647  9.531   5.543   1.00 23.65 ? 39  ALA A CB  1 
ATOM   294 N  N   . ASN A 1 40 ? -2.162  6.565   6.362   1.00 22.43 ? 40  ASN A N   1 
ATOM   295 C  CA  . ASN A 1 40 ? -2.552  5.163   6.309   1.00 21.79 ? 40  ASN A CA  1 
ATOM   296 C  C   . ASN A 1 40 ? -2.559  4.512   7.691   1.00 19.66 ? 40  ASN A C   1 
ATOM   297 O  O   . ASN A 1 40 ? -3.374  3.628   7.963   1.00 18.15 ? 40  ASN A O   1 
ATOM   298 C  CB  . ASN A 1 40 ? -1.643  4.384   5.357   1.00 25.76 ? 40  ASN A CB  1 
ATOM   299 C  CG  . ASN A 1 40 ? -1.924  4.707   3.902   1.00 29.15 ? 40  ASN A CG  1 
ATOM   300 O  OD1 . ASN A 1 40 ? -3.063  4.602   3.443   1.00 30.62 ? 40  ASN A OD1 1 
ATOM   301 N  ND2 . ASN A 1 40 ? -0.892  5.107   3.172   1.00 31.90 ? 40  ASN A ND2 1 
ATOM   302 N  N   . CYS A 1 41 ? -1.658  4.947   8.567   1.00 16.83 ? 41  CYS A N   1 
ATOM   303 C  CA  . CYS A 1 41 ? -1.626  4.392   9.914   1.00 18.01 ? 41  CYS A CA  1 
ATOM   304 C  C   . CYS A 1 41 ? -2.924  4.699   10.651  1.00 17.61 ? 41  CYS A C   1 
ATOM   305 O  O   . CYS A 1 41 ? -3.475  3.830   11.320  1.00 17.66 ? 41  CYS A O   1 
ATOM   306 C  CB  . CYS A 1 41 ? -0.450  4.952   10.714  1.00 18.06 ? 41  CYS A CB  1 
ATOM   307 S  SG  . CYS A 1 41 ? 1.181   4.386   10.146  1.00 21.25 ? 41  CYS A SG  1 
ATOM   308 N  N   . THR A 1 42 ? -3.411  5.932   10.531  1.00 19.14 ? 42  THR A N   1 
ATOM   309 C  CA  . THR A 1 42 ? -4.646  6.323   11.209  1.00 21.23 ? 42  THR A CA  1 
ATOM   310 C  C   . THR A 1 42 ? -5.860  5.567   10.670  1.00 23.99 ? 42  THR A C   1 
ATOM   311 O  O   . THR A 1 42 ? -6.936  5.595   11.272  1.00 23.40 ? 42  THR A O   1 
ATOM   312 C  CB  . THR A 1 42 ? -4.906  7.851   11.094  1.00 22.43 ? 42  THR A CB  1 
ATOM   313 O  OG1 . THR A 1 42 ? -4.954  8.234   9.713   1.00 22.64 ? 42  THR A OG1 1 
ATOM   314 C  CG2 . THR A 1 42 ? -3.801  8.633   11.789  1.00 20.90 ? 42  THR A CG2 1 
ATOM   315 N  N   . ASN A 1 43 ? -5.687  4.893   9.537   1.00 25.87 ? 43  ASN A N   1 
ATOM   316 C  CA  . ASN A 1 43 ? -6.773  4.118   8.941   1.00 30.16 ? 43  ASN A CA  1 
ATOM   317 C  C   . ASN A 1 43 ? -6.726  2.657   9.379   1.00 31.81 ? 43  ASN A C   1 
ATOM   318 O  O   . ASN A 1 43 ? -7.532  1.841   8.928   1.00 33.38 ? 43  ASN A O   1 
ATOM   319 C  CB  . ASN A 1 43 ? -6.713  4.190   7.412   1.00 32.71 ? 43  ASN A CB  1 
ATOM   320 C  CG  . ASN A 1 43 ? -7.167  5.528   6.874   1.00 34.62 ? 43  ASN A CG  1 
ATOM   321 O  OD1 . ASN A 1 43 ? -8.292  5.958   7.122   1.00 36.48 ? 43  ASN A OD1 1 
ATOM   322 N  ND2 . ASN A 1 43 ? -6.293  6.194   6.129   1.00 38.60 ? 43  ASN A ND2 1 
ATOM   323 N  N   . GLN A 1 44 ? -5.783  2.332   10.260  1.00 32.32 ? 44  GLN A N   1 
ATOM   324 C  CA  . GLN A 1 44 ? -5.631  0.968   10.761  1.00 33.59 ? 44  GLN A CA  1 
ATOM   325 C  C   . GLN A 1 44 ? -6.428  0.796   12.054  1.00 33.32 ? 44  GLN A C   1 
ATOM   326 O  O   . GLN A 1 44 ? -6.276  -0.260  12.702  1.00 31.93 ? 44  GLN A O   1 
ATOM   327 C  CB  . GLN A 1 44 ? -4.154  0.669   11.039  1.00 34.67 ? 44  GLN A CB  1 
ATOM   328 C  CG  . GLN A 1 44 ? -3.214  1.046   9.908   1.00 37.82 ? 44  GLN A CG  1 
ATOM   329 C  CD  . GLN A 1 44 ? -3.398  0.178   8.684   1.00 39.69 ? 44  GLN A CD  1 
ATOM   330 O  OE1 . GLN A 1 44 ? -3.144  -1.025  8.721   1.00 40.89 ? 44  GLN A OE1 1 
ATOM   331 N  NE2 . GLN A 1 44 ? -3.842  0.786   7.588   1.00 41.71 ? 44  GLN A NE2 1 
ATOM   332 O  OXT . GLN A 1 44 ? -7.195  1.719   12.405  1.00 33.90 ? 44  GLN A OXT 1 
HETATM 333 CA CA  . CA  B 2 .  ? 4.644   -1.439  4.814   1.00 11.19 ? 201 CA  A CA  1 
HETATM 334 O  O   . HOH C 3 .  ? 7.396   1.955   -6.182  1.00 28.05 ? 301 HOH A O   1 
HETATM 335 O  O   . HOH C 3 .  ? 11.664  -0.231  5.038   1.00 17.28 ? 302 HOH A O   1 
HETATM 336 O  O   . HOH C 3 .  ? 10.671  -7.144  7.219   1.00 21.64 ? 303 HOH A O   1 
HETATM 337 O  O   . HOH C 3 .  ? -1.169  5.125   -2.003  1.00 20.85 ? 304 HOH A O   1 
HETATM 338 O  O   . HOH C 3 .  ? 3.825   10.726  6.923   1.00 20.62 ? 305 HOH A O   1 
HETATM 339 O  O   . HOH C 3 .  ? 0.328   11.608  5.794   1.00 21.20 ? 306 HOH A O   1 
HETATM 340 O  O   . HOH C 3 .  ? -4.663  2.867   -2.468  1.00 25.89 ? 307 HOH A O   1 
HETATM 341 O  O   . HOH C 3 .  ? 2.392   -6.624  7.490   1.00 24.18 ? 308 HOH A O   1 
HETATM 342 O  O   . HOH C 3 .  ? 2.508   9.093   -8.250  1.00 24.42 ? 309 HOH A O   1 
HETATM 343 O  O   . HOH C 3 .  ? -1.778  -7.141  -9.347  1.00 40.04 ? 310 HOH A O   1 
HETATM 344 O  O   . HOH C 3 .  ? -7.561  -0.854  -17.903 1.00 34.31 ? 311 HOH A O   1 
HETATM 345 O  O   . HOH C 3 .  ? -2.795  -9.924  -0.615  1.00 25.73 ? 312 HOH A O   1 
HETATM 346 O  O   . HOH C 3 .  ? 2.973   -4.035  -8.766  1.00 30.11 ? 313 HOH A O   1 
HETATM 347 O  O   . HOH C 3 .  ? -5.172  6.220   3.090   1.00 52.81 ? 314 HOH A O   1 
HETATM 348 O  O   . HOH C 3 .  ? 10.515  -7.878  4.456   1.00 44.34 ? 315 HOH A O   1 
HETATM 349 O  O   . HOH C 3 .  ? 7.300   -4.400  -2.962  1.00 29.42 ? 316 HOH A O   1 
HETATM 350 O  O   . HOH C 3 .  ? -2.347  6.064   0.328   1.00 29.86 ? 317 HOH A O   1 
HETATM 351 O  O   . HOH C 3 .  ? 4.942   9.217   8.524   1.00 47.41 ? 318 HOH A O   1 
HETATM 352 O  O   . HOH C 3 .  ? 8.498   2.826   11.449  1.00 34.82 ? 319 HOH A O   1 
HETATM 353 O  O   . HOH C 3 .  ? -7.563  -1.062  7.243   1.00 46.17 ? 320 HOH A O   1 
HETATM 354 O  O   . HOH C 3 .  ? 7.847   2.855   8.473   1.00 22.47 ? 321 HOH A O   1 
HETATM 355 O  O   . HOH C 3 .  ? -5.688  4.722   -1.207  1.00 28.68 ? 322 HOH A O   1 
HETATM 356 O  O   . HOH C 3 .  ? 7.687   0.261   -8.250  1.00 28.05 ? 323 HOH A O   1 
HETATM 357 O  O   . HOH C 3 .  ? -4.692  -2.140  -15.974 1.00 28.18 ? 324 HOH A O   1 
HETATM 358 O  O   . HOH C 3 .  ? 5.895   -6.460  -3.479  1.00 29.45 ? 325 HOH A O   1 
HETATM 359 O  O   . HOH C 3 .  ? -14.451 -4.682  -10.012 1.00 43.97 ? 326 HOH A O   1 
HETATM 360 O  O   . HOH C 3 .  ? 12.045  8.401   0.091   1.00 55.08 ? 327 HOH A O   1 
HETATM 361 O  O   . HOH C 3 .  ? -7.063  -6.737  -11.977 1.00 49.37 ? 328 HOH A O   1 
HETATM 362 O  O   . HOH C 3 .  ? -0.684  0.553   -11.547 1.00 27.11 ? 329 HOH A O   1 
HETATM 363 O  O   . HOH C 3 .  ? -10.648 -1.282  -15.418 1.00 39.78 ? 330 HOH A O   1 
HETATM 364 O  O   . HOH C 3 .  ? 10.707  6.139   0.194   1.00 43.61 ? 331 HOH A O   1 
# 
